data_2M76
#
_entry.id   2M76
#
_entity_poly.entity_id   1
_entity_poly.type   'polypeptide(L)'
_entity_poly.pdbx_seq_one_letter_code
;MAEAHQAVGFRPSLTSDGAEVELSAPVLQEIYLSGLRSWKRHLSRFWNDF
;
_entity_poly.pdbx_strand_id   A
#
# COMPACT_ATOMS: atom_id res chain seq x y z
N MET A 1 -16.64 4.49 -41.36
CA MET A 1 -17.46 3.39 -40.79
C MET A 1 -16.61 2.57 -39.82
N ALA A 2 -15.32 2.42 -40.15
CA ALA A 2 -14.42 1.67 -39.30
C ALA A 2 -14.27 2.34 -37.93
N GLU A 3 -14.24 3.67 -37.93
CA GLU A 3 -14.11 4.43 -36.70
C GLU A 3 -15.37 5.24 -36.43
N ALA A 4 -15.93 5.07 -35.23
CA ALA A 4 -17.15 5.79 -34.85
C ALA A 4 -17.18 6.04 -33.35
N HIS A 5 -17.85 7.13 -32.95
CA HIS A 5 -17.95 7.48 -31.54
C HIS A 5 -19.39 7.35 -31.06
N GLN A 6 -19.57 6.89 -29.83
CA GLN A 6 -20.90 6.73 -29.26
C GLN A 6 -21.58 8.08 -29.11
N ALA A 7 -20.79 9.08 -28.70
CA ALA A 7 -21.33 10.43 -28.51
C ALA A 7 -20.25 11.47 -28.78
N VAL A 8 -20.67 12.66 -29.22
CA VAL A 8 -19.74 13.74 -29.51
C VAL A 8 -19.01 14.16 -28.25
N GLY A 9 -19.76 14.32 -27.16
CA GLY A 9 -19.18 14.73 -25.88
C GLY A 9 -18.68 13.53 -25.09
N PHE A 10 -18.10 13.79 -23.93
CA PHE A 10 -17.58 12.73 -23.09
C PHE A 10 -18.10 12.88 -21.66
N ARG A 11 -18.26 11.77 -20.96
CA ARG A 11 -18.76 11.79 -19.60
C ARG A 11 -17.96 12.80 -18.77
N PRO A 12 -18.41 13.13 -17.57
CA PRO A 12 -17.68 14.10 -16.70
C PRO A 12 -16.27 13.62 -16.35
N SER A 13 -15.33 14.55 -16.27
CA SER A 13 -13.96 14.21 -15.93
C SER A 13 -13.90 13.59 -14.53
N LEU A 14 -14.78 14.05 -13.66
CA LEU A 14 -14.84 13.54 -12.29
C LEU A 14 -15.17 12.05 -12.29
N THR A 15 -16.11 11.65 -13.14
CA THR A 15 -16.51 10.25 -13.21
C THR A 15 -15.35 9.39 -13.71
N SER A 16 -14.54 9.95 -14.60
CA SER A 16 -13.40 9.24 -15.15
C SER A 16 -12.30 9.12 -14.09
N ASP A 17 -11.56 8.01 -14.11
CA ASP A 17 -10.50 7.79 -13.16
C ASP A 17 -9.15 8.22 -13.74
N GLY A 18 -8.60 9.32 -13.21
CA GLY A 18 -7.32 9.83 -13.69
C GLY A 18 -6.20 8.84 -13.37
N ALA A 19 -6.27 8.23 -12.19
CA ALA A 19 -5.27 7.26 -11.78
C ALA A 19 -5.34 6.00 -12.63
N GLU A 20 -4.18 5.41 -12.91
CA GLU A 20 -4.13 4.20 -13.71
C GLU A 20 -4.81 3.05 -12.98
N VAL A 21 -4.61 2.98 -11.68
CA VAL A 21 -5.21 1.92 -10.87
C VAL A 21 -5.81 2.51 -9.59
N GLU A 22 -6.74 1.77 -8.98
CA GLU A 22 -7.38 2.23 -7.76
C GLU A 22 -7.56 1.08 -6.78
N LEU A 23 -6.71 0.07 -6.90
CA LEU A 23 -6.80 -1.08 -6.00
C LEU A 23 -6.53 -0.66 -4.57
N SER A 24 -5.53 0.20 -4.39
CA SER A 24 -5.15 0.70 -3.06
C SER A 24 -3.67 1.10 -3.06
N ALA A 25 -3.13 1.30 -4.25
CA ALA A 25 -1.71 1.65 -4.38
C ALA A 25 -1.32 2.79 -3.44
N PRO A 26 -2.03 3.90 -3.45
CA PRO A 26 -1.70 5.05 -2.56
C PRO A 26 -1.58 4.65 -1.09
N VAL A 27 -2.53 3.85 -0.62
CA VAL A 27 -2.51 3.36 0.75
C VAL A 27 -1.33 2.42 0.94
N LEU A 28 -1.14 1.54 -0.03
CA LEU A 28 -0.05 0.57 0.03
C LEU A 28 1.31 1.27 0.06
N GLN A 29 1.46 2.30 -0.77
CA GLN A 29 2.71 3.04 -0.85
C GLN A 29 3.02 3.72 0.50
N GLU A 30 1.99 4.31 1.12
CA GLU A 30 2.16 4.97 2.42
C GLU A 30 2.53 3.94 3.49
N ILE A 31 1.88 2.78 3.47
CA ILE A 31 2.18 1.75 4.47
C ILE A 31 3.62 1.23 4.28
N TYR A 32 4.00 0.99 3.03
CA TYR A 32 5.35 0.50 2.76
C TYR A 32 6.41 1.51 3.23
N LEU A 33 6.20 2.79 2.91
CA LEU A 33 7.15 3.83 3.30
C LEU A 33 7.25 3.93 4.83
N SER A 34 6.09 3.86 5.48
CA SER A 34 6.05 3.97 6.94
C SER A 34 6.70 2.74 7.58
N GLY A 35 6.49 1.58 6.97
CA GLY A 35 7.06 0.34 7.49
C GLY A 35 8.58 0.37 7.40
N LEU A 36 9.11 0.92 6.31
CA LEU A 36 10.56 1.00 6.13
C LEU A 36 11.20 1.83 7.24
N ARG A 37 10.58 2.94 7.59
CA ARG A 37 11.10 3.78 8.65
C ARG A 37 11.15 2.99 9.96
N SER A 38 10.09 2.24 10.23
CA SER A 38 10.01 1.40 11.42
C SER A 38 10.96 0.20 11.33
N TRP A 39 11.12 -0.31 10.12
CA TRP A 39 11.98 -1.47 9.87
C TRP A 39 13.42 -1.23 10.33
N LYS A 40 13.92 -0.02 10.13
CA LYS A 40 15.30 0.29 10.53
C LYS A 40 15.52 -0.03 12.00
N ARG A 41 14.55 0.27 12.87
CA ARG A 41 14.75 -0.01 14.30
C ARG A 41 14.94 -1.51 14.56
N HIS A 42 14.14 -2.29 13.85
CA HIS A 42 14.18 -3.75 13.94
C HIS A 42 15.43 -4.31 13.25
N LEU A 43 15.86 -3.63 12.20
CA LEU A 43 17.04 -4.00 11.43
C LEU A 43 18.33 -3.49 12.06
N SER A 44 18.23 -2.71 13.14
CA SER A 44 19.41 -2.13 13.75
C SER A 44 20.47 -3.19 14.07
N ARG A 45 20.08 -4.34 14.61
CA ARG A 45 21.07 -5.35 14.94
C ARG A 45 21.83 -5.81 13.70
N PHE A 46 21.09 -6.16 12.65
CA PHE A 46 21.70 -6.60 11.40
C PHE A 46 22.49 -5.47 10.73
N TRP A 47 21.91 -4.28 10.77
CA TRP A 47 22.53 -3.11 10.16
C TRP A 47 23.87 -2.78 10.81
N ASN A 48 23.93 -2.88 12.14
CA ASN A 48 25.15 -2.59 12.87
C ASN A 48 26.24 -3.58 12.48
N ASP A 49 25.86 -4.85 12.34
CA ASP A 49 26.82 -5.89 11.98
C ASP A 49 26.81 -6.11 10.48
N PHE A 50 27.91 -5.73 9.81
CA PHE A 50 28.01 -5.90 8.38
C PHE A 50 27.87 -7.37 7.99
N MET A 1 -15.61 21.20 -35.82
CA MET A 1 -16.44 22.44 -35.97
C MET A 1 -17.87 22.13 -35.51
N ALA A 2 -18.43 23.01 -34.68
CA ALA A 2 -19.78 22.83 -34.18
C ALA A 2 -20.79 22.83 -35.32
N GLU A 3 -20.42 23.48 -36.43
CA GLU A 3 -21.30 23.57 -37.59
C GLU A 3 -21.55 22.20 -38.20
N ALA A 4 -20.52 21.34 -38.15
CA ALA A 4 -20.63 19.99 -38.70
C ALA A 4 -20.40 18.93 -37.62
N HIS A 5 -21.23 17.91 -37.63
CA HIS A 5 -21.13 16.82 -36.66
C HIS A 5 -19.84 16.03 -36.87
N GLN A 6 -19.48 15.80 -38.13
CA GLN A 6 -18.28 15.04 -38.47
C GLN A 6 -17.04 15.78 -37.98
N ALA A 7 -17.03 17.10 -38.13
CA ALA A 7 -15.90 17.90 -37.71
C ALA A 7 -15.70 17.78 -36.20
N VAL A 8 -16.80 17.76 -35.46
CA VAL A 8 -16.73 17.64 -34.00
C VAL A 8 -16.12 16.30 -33.61
N GLY A 9 -16.57 15.23 -34.25
CA GLY A 9 -16.04 13.90 -33.97
C GLY A 9 -16.68 13.33 -32.72
N PHE A 10 -16.13 12.22 -32.24
CA PHE A 10 -16.66 11.56 -31.04
C PHE A 10 -15.54 11.28 -30.03
N ARG A 11 -15.90 11.28 -28.75
CA ARG A 11 -14.93 11.04 -27.69
C ARG A 11 -15.39 9.90 -26.79
N PRO A 12 -15.17 8.67 -27.21
CA PRO A 12 -15.58 7.47 -26.41
C PRO A 12 -14.91 7.43 -25.05
N SER A 13 -15.63 6.93 -24.04
CA SER A 13 -15.10 6.84 -22.70
C SER A 13 -14.05 5.74 -22.60
N LEU A 14 -13.05 5.94 -21.75
CA LEU A 14 -11.98 4.97 -21.58
C LEU A 14 -12.07 4.32 -20.20
N THR A 15 -12.12 2.98 -20.19
CA THR A 15 -12.20 2.23 -18.94
C THR A 15 -10.91 1.46 -18.69
N SER A 16 -9.95 1.61 -19.59
CA SER A 16 -8.66 0.92 -19.45
C SER A 16 -7.97 1.36 -18.16
N ASP A 17 -8.18 2.62 -17.77
CA ASP A 17 -7.55 3.15 -16.55
C ASP A 17 -8.47 2.95 -15.34
N GLY A 18 -9.61 2.33 -15.57
CA GLY A 18 -10.55 2.07 -14.48
C GLY A 18 -9.99 1.04 -13.52
N ALA A 19 -10.54 1.00 -12.31
CA ALA A 19 -10.07 0.05 -11.31
C ALA A 19 -11.21 -0.45 -10.43
N GLU A 20 -11.10 -1.69 -9.96
CA GLU A 20 -12.12 -2.27 -9.10
C GLU A 20 -12.18 -1.54 -7.76
N VAL A 21 -11.01 -1.14 -7.26
CA VAL A 21 -10.93 -0.43 -5.99
C VAL A 21 -10.30 0.93 -6.19
N GLU A 22 -10.92 1.96 -5.62
CA GLU A 22 -10.43 3.33 -5.76
C GLU A 22 -9.07 3.51 -5.10
N LEU A 23 -8.89 2.93 -3.91
CA LEU A 23 -7.61 3.05 -3.20
C LEU A 23 -6.91 1.69 -3.06
N SER A 24 -5.72 1.59 -3.62
CA SER A 24 -4.93 0.37 -3.53
C SER A 24 -3.45 0.69 -3.47
N ALA A 25 -2.83 0.88 -4.63
CA ALA A 25 -1.40 1.18 -4.69
C ALA A 25 -1.01 2.32 -3.75
N PRO A 26 -1.69 3.44 -3.78
CA PRO A 26 -1.36 4.60 -2.90
C PRO A 26 -1.30 4.19 -1.43
N VAL A 27 -2.25 3.38 -0.99
CA VAL A 27 -2.27 2.89 0.38
C VAL A 27 -1.09 1.97 0.62
N LEU A 28 -0.83 1.10 -0.35
CA LEU A 28 0.27 0.15 -0.27
C LEU A 28 1.60 0.88 -0.19
N GLN A 29 1.75 1.92 -1.00
CA GLN A 29 3.00 2.68 -1.00
C GLN A 29 3.24 3.35 0.35
N GLU A 30 2.17 3.90 0.94
CA GLU A 30 2.30 4.56 2.22
C GLU A 30 2.64 3.54 3.30
N ILE A 31 2.00 2.38 3.25
CA ILE A 31 2.29 1.33 4.23
C ILE A 31 3.74 0.86 4.06
N TYR A 32 4.17 0.67 2.82
CA TYR A 32 5.54 0.22 2.57
C TYR A 32 6.54 1.24 3.09
N LEU A 33 6.30 2.50 2.78
CA LEU A 33 7.19 3.57 3.22
C LEU A 33 7.23 3.64 4.74
N SER A 34 6.06 3.51 5.35
CA SER A 34 5.97 3.56 6.81
C SER A 34 6.66 2.34 7.42
N GLY A 35 6.51 1.19 6.78
CA GLY A 35 7.14 -0.04 7.28
C GLY A 35 8.66 0.08 7.26
N LEU A 36 9.20 0.66 6.20
CA LEU A 36 10.65 0.79 6.07
C LEU A 36 11.22 1.63 7.22
N ARG A 37 10.54 2.72 7.57
CA ARG A 37 11.03 3.59 8.65
C ARG A 37 11.04 2.80 9.97
N SER A 38 9.99 2.00 10.18
CA SER A 38 9.90 1.16 11.39
C SER A 38 10.90 0.01 11.31
N TRP A 39 11.14 -0.42 10.08
CA TRP A 39 12.05 -1.54 9.84
C TRP A 39 13.45 -1.23 10.31
N LYS A 40 13.88 0.02 10.14
CA LYS A 40 15.21 0.42 10.57
C LYS A 40 15.39 0.18 12.07
N ARG A 41 14.37 0.40 12.88
CA ARG A 41 14.55 0.15 14.30
C ARG A 41 14.79 -1.34 14.52
N HIS A 42 13.96 -2.12 13.84
CA HIS A 42 14.03 -3.59 13.89
C HIS A 42 15.29 -4.11 13.20
N LEU A 43 15.71 -3.40 12.17
CA LEU A 43 16.89 -3.74 11.37
C LEU A 43 18.17 -3.26 12.04
N SER A 44 18.04 -2.48 13.12
CA SER A 44 19.19 -1.91 13.80
C SER A 44 20.25 -2.94 14.12
N ARG A 45 19.89 -4.12 14.63
CA ARG A 45 20.89 -5.11 14.99
C ARG A 45 21.72 -5.51 13.78
N PHE A 46 21.05 -5.85 12.69
CA PHE A 46 21.75 -6.25 11.47
C PHE A 46 22.51 -5.08 10.88
N TRP A 47 21.89 -3.91 10.92
CA TRP A 47 22.49 -2.70 10.37
C TRP A 47 23.79 -2.32 11.10
N ASN A 48 23.77 -2.45 12.42
CA ASN A 48 24.94 -2.14 13.24
C ASN A 48 26.10 -3.06 12.89
N ASP A 49 25.78 -4.34 12.69
CA ASP A 49 26.81 -5.31 12.36
C ASP A 49 26.98 -5.41 10.85
N PHE A 50 28.14 -4.96 10.35
CA PHE A 50 28.41 -5.00 8.92
C PHE A 50 29.22 -6.24 8.56
N MET A 1 5.18 23.83 -2.26
CA MET A 1 3.93 24.60 -2.54
C MET A 1 3.15 23.91 -3.66
N ALA A 2 3.84 23.05 -4.41
CA ALA A 2 3.19 22.33 -5.51
C ALA A 2 3.86 20.97 -5.72
N GLU A 3 3.07 20.01 -6.21
CA GLU A 3 3.59 18.67 -6.45
C GLU A 3 4.65 18.69 -7.54
N ALA A 4 4.42 19.49 -8.59
CA ALA A 4 5.36 19.59 -9.69
C ALA A 4 6.64 20.28 -9.24
N HIS A 5 7.77 19.81 -9.74
CA HIS A 5 9.06 20.39 -9.38
C HIS A 5 9.16 21.82 -9.92
N GLN A 6 8.68 22.02 -11.15
CA GLN A 6 8.72 23.34 -11.76
C GLN A 6 7.44 23.59 -12.56
N ALA A 7 7.12 24.87 -12.76
CA ALA A 7 5.92 25.22 -13.51
C ALA A 7 6.04 24.75 -14.96
N VAL A 8 7.25 24.85 -15.51
CA VAL A 8 7.49 24.42 -16.88
C VAL A 8 8.71 23.51 -16.95
N GLY A 9 8.59 22.42 -17.70
CA GLY A 9 9.69 21.48 -17.82
C GLY A 9 10.67 21.92 -18.89
N PHE A 10 11.83 21.25 -18.95
CA PHE A 10 12.85 21.57 -19.93
C PHE A 10 12.33 21.36 -21.35
N ARG A 11 11.63 20.24 -21.54
CA ARG A 11 11.08 19.91 -22.85
C ARG A 11 9.98 18.87 -22.74
N PRO A 12 10.19 17.81 -22.00
CA PRO A 12 9.16 16.73 -21.83
C PRO A 12 7.88 17.24 -21.19
N SER A 13 6.75 16.66 -21.59
CA SER A 13 5.46 17.08 -21.05
C SER A 13 5.37 16.76 -19.57
N LEU A 14 4.66 17.59 -18.83
CA LEU A 14 4.50 17.41 -17.39
C LEU A 14 3.77 16.09 -17.11
N THR A 15 2.74 15.80 -17.90
CA THR A 15 1.96 14.59 -17.72
C THR A 15 1.76 13.87 -19.05
N SER A 16 1.48 12.57 -18.98
CA SER A 16 1.26 11.79 -20.19
C SER A 16 0.39 10.57 -19.88
N ASP A 17 -0.17 9.97 -20.93
CA ASP A 17 -1.02 8.80 -20.75
C ASP A 17 -0.21 7.62 -20.23
N GLY A 18 -0.81 6.85 -19.32
CA GLY A 18 -0.13 5.70 -18.75
C GLY A 18 -1.11 4.83 -17.97
N ALA A 19 -0.67 3.63 -17.60
CA ALA A 19 -1.51 2.71 -16.84
C ALA A 19 -1.78 3.26 -15.44
N GLU A 20 -3.00 3.06 -14.95
CA GLU A 20 -3.38 3.53 -13.63
C GLU A 20 -4.22 2.48 -12.92
N VAL A 21 -4.09 2.41 -11.59
CA VAL A 21 -4.85 1.44 -10.81
C VAL A 21 -5.46 2.12 -9.58
N GLU A 22 -6.49 1.49 -9.03
CA GLU A 22 -7.15 2.02 -7.84
C GLU A 22 -7.39 0.92 -6.81
N LEU A 23 -6.58 -0.13 -6.88
CA LEU A 23 -6.69 -1.25 -5.96
C LEU A 23 -6.45 -0.78 -4.52
N SER A 24 -5.41 0.04 -4.36
CA SER A 24 -5.04 0.57 -3.04
C SER A 24 -3.57 0.98 -3.04
N ALA A 25 -3.01 1.19 -4.23
CA ALA A 25 -1.62 1.55 -4.35
C ALA A 25 -1.24 2.72 -3.44
N PRO A 26 -2.01 3.79 -3.46
CA PRO A 26 -1.70 4.99 -2.61
C PRO A 26 -1.54 4.67 -1.12
N VAL A 27 -2.48 3.89 -0.58
CA VAL A 27 -2.39 3.51 0.84
C VAL A 27 -1.26 2.51 1.03
N LEU A 28 -1.08 1.60 0.08
CA LEU A 28 -0.03 0.60 0.16
C LEU A 28 1.36 1.27 0.18
N GLN A 29 1.51 2.28 -0.68
CA GLN A 29 2.79 3.00 -0.76
C GLN A 29 3.11 3.69 0.55
N GLU A 30 2.11 4.29 1.18
CA GLU A 30 2.32 4.98 2.45
C GLU A 30 2.68 3.98 3.55
N ILE A 31 2.01 2.85 3.56
CA ILE A 31 2.29 1.82 4.55
C ILE A 31 3.71 1.27 4.34
N TYR A 32 4.07 1.06 3.09
CA TYR A 32 5.39 0.53 2.77
C TYR A 32 6.46 1.51 3.24
N LEU A 33 6.27 2.79 2.93
CA LEU A 33 7.22 3.82 3.34
C LEU A 33 7.30 3.90 4.86
N SER A 34 6.15 3.83 5.51
CA SER A 34 6.10 3.88 6.97
C SER A 34 6.81 2.67 7.57
N GLY A 35 6.62 1.51 6.94
CA GLY A 35 7.24 0.30 7.42
C GLY A 35 8.77 0.38 7.34
N LEU A 36 9.30 0.98 6.27
CA LEU A 36 10.75 1.08 6.13
C LEU A 36 11.34 1.89 7.27
N ARG A 37 10.67 2.97 7.65
CA ARG A 37 11.17 3.79 8.74
C ARG A 37 11.17 3.01 10.05
N SER A 38 10.11 2.25 10.29
CA SER A 38 9.99 1.42 11.48
C SER A 38 10.93 0.22 11.44
N TRP A 39 11.13 -0.31 10.23
CA TRP A 39 11.99 -1.47 10.03
C TRP A 39 13.43 -1.21 10.46
N LYS A 40 13.92 0.00 10.29
CA LYS A 40 15.30 0.27 10.67
C LYS A 40 15.49 -0.04 12.15
N ARG A 41 14.52 0.28 12.99
CA ARG A 41 14.67 -0.02 14.41
C ARG A 41 14.84 -1.52 14.64
N HIS A 42 14.00 -2.27 13.92
CA HIS A 42 14.00 -3.73 13.98
C HIS A 42 15.22 -4.32 13.25
N LEU A 43 15.61 -3.65 12.17
CA LEU A 43 16.76 -4.04 11.34
C LEU A 43 18.08 -3.50 11.91
N SER A 44 18.00 -2.70 12.97
CA SER A 44 19.21 -2.09 13.53
C SER A 44 20.29 -3.13 13.83
N ARG A 45 19.92 -4.27 14.40
CA ARG A 45 20.94 -5.27 14.73
C ARG A 45 21.66 -5.72 13.45
N PHE A 46 20.89 -6.08 12.44
CA PHE A 46 21.45 -6.52 11.16
C PHE A 46 22.26 -5.40 10.52
N TRP A 47 21.70 -4.19 10.53
CA TRP A 47 22.36 -3.03 9.94
C TRP A 47 23.67 -2.70 10.66
N ASN A 48 23.66 -2.80 11.98
CA ASN A 48 24.84 -2.50 12.76
C ASN A 48 25.96 -3.49 12.43
N ASP A 49 25.61 -4.75 12.27
CA ASP A 49 26.59 -5.78 11.96
C ASP A 49 26.74 -5.93 10.45
N PHE A 50 27.90 -5.53 9.94
CA PHE A 50 28.17 -5.62 8.51
C PHE A 50 26.94 -5.21 7.71
N MET A 1 4.70 -17.47 -32.84
CA MET A 1 4.52 -16.26 -32.00
C MET A 1 3.94 -15.14 -32.85
N ALA A 2 3.70 -15.45 -34.12
CA ALA A 2 3.13 -14.47 -35.04
C ALA A 2 1.71 -14.10 -34.60
N GLU A 3 0.96 -15.08 -34.12
CA GLU A 3 -0.41 -14.83 -33.66
C GLU A 3 -0.40 -13.85 -32.51
N ALA A 4 -1.32 -12.89 -32.54
CA ALA A 4 -1.37 -11.90 -31.48
C ALA A 4 -1.69 -12.56 -30.13
N HIS A 5 -2.61 -13.53 -30.16
CA HIS A 5 -3.00 -14.25 -28.93
C HIS A 5 -2.65 -15.73 -28.99
N GLN A 6 -2.06 -16.23 -27.91
CA GLN A 6 -1.68 -17.64 -27.84
C GLN A 6 -2.78 -18.45 -27.13
N ALA A 7 -3.15 -19.59 -27.73
CA ALA A 7 -4.20 -20.44 -27.15
C ALA A 7 -3.80 -20.95 -25.78
N VAL A 8 -2.52 -21.27 -25.61
CA VAL A 8 -2.02 -21.78 -24.33
C VAL A 8 -0.92 -20.89 -23.77
N GLY A 9 -1.06 -20.54 -22.50
CA GLY A 9 -0.09 -19.70 -21.82
C GLY A 9 1.02 -20.54 -21.20
N PHE A 10 1.94 -19.86 -20.52
CA PHE A 10 3.05 -20.55 -19.87
C PHE A 10 3.15 -20.11 -18.43
N ARG A 11 3.62 -21.00 -17.57
CA ARG A 11 3.76 -20.67 -16.16
C ARG A 11 2.49 -19.98 -15.66
N PRO A 12 1.44 -20.73 -15.51
CA PRO A 12 0.13 -20.18 -15.04
C PRO A 12 0.23 -19.60 -13.62
N SER A 13 -0.49 -18.52 -13.38
CA SER A 13 -0.48 -17.88 -12.07
C SER A 13 -1.32 -18.67 -11.07
N LEU A 14 -1.09 -18.41 -9.78
CA LEU A 14 -1.83 -19.08 -8.72
C LEU A 14 -2.82 -18.14 -8.08
N THR A 15 -4.06 -18.59 -7.95
CA THR A 15 -5.08 -17.75 -7.33
C THR A 15 -4.78 -17.53 -5.86
N SER A 16 -4.18 -18.54 -5.22
CA SER A 16 -3.84 -18.45 -3.80
C SER A 16 -2.87 -17.32 -3.52
N ASP A 17 -1.84 -17.18 -4.35
CA ASP A 17 -0.84 -16.13 -4.15
C ASP A 17 -1.17 -14.91 -5.01
N GLY A 18 -1.60 -13.83 -4.36
CA GLY A 18 -1.94 -12.61 -5.07
C GLY A 18 -2.20 -11.47 -4.11
N ALA A 19 -2.37 -10.27 -4.66
CA ALA A 19 -2.62 -9.10 -3.84
C ALA A 19 -3.96 -9.20 -3.13
N GLU A 20 -4.00 -8.69 -1.91
CA GLU A 20 -5.21 -8.70 -1.11
C GLU A 20 -6.28 -7.83 -1.76
N VAL A 21 -5.85 -6.69 -2.27
CA VAL A 21 -6.78 -5.77 -2.91
C VAL A 21 -6.20 -5.21 -4.22
N GLU A 22 -7.05 -5.13 -5.24
CA GLU A 22 -6.64 -4.62 -6.54
C GLU A 22 -6.34 -3.11 -6.51
N LEU A 23 -7.16 -2.34 -5.80
CA LEU A 23 -6.99 -0.89 -5.73
C LEU A 23 -6.63 -0.40 -4.33
N SER A 24 -5.55 0.38 -4.24
CA SER A 24 -5.11 0.94 -2.97
C SER A 24 -3.61 1.28 -3.02
N ALA A 25 -3.09 1.42 -4.22
CA ALA A 25 -1.67 1.71 -4.38
C ALA A 25 -1.20 2.85 -3.48
N PRO A 26 -1.89 3.96 -3.47
CA PRO A 26 -1.48 5.13 -2.62
C PRO A 26 -1.36 4.73 -1.15
N VAL A 27 -2.33 3.95 -0.68
CA VAL A 27 -2.31 3.47 0.70
C VAL A 27 -1.15 2.51 0.91
N LEU A 28 -0.96 1.62 -0.06
CA LEU A 28 0.13 0.64 -0.01
C LEU A 28 1.47 1.34 0.01
N GLN A 29 1.60 2.40 -0.79
CA GLN A 29 2.85 3.13 -0.86
C GLN A 29 3.14 3.80 0.49
N GLU A 30 2.11 4.35 1.13
CA GLU A 30 2.29 4.98 2.44
C GLU A 30 2.64 3.93 3.49
N ILE A 31 1.97 2.78 3.45
CA ILE A 31 2.28 1.72 4.41
C ILE A 31 3.72 1.23 4.20
N TYR A 32 4.11 1.04 2.94
CA TYR A 32 5.46 0.59 2.63
C TYR A 32 6.49 1.60 3.13
N LEU A 33 6.26 2.88 2.85
CA LEU A 33 7.18 3.93 3.29
C LEU A 33 7.24 3.97 4.82
N SER A 34 6.08 3.87 5.44
CA SER A 34 5.99 3.88 6.89
C SER A 34 6.66 2.65 7.49
N GLY A 35 6.41 1.49 6.88
CA GLY A 35 6.99 0.24 7.37
C GLY A 35 8.51 0.28 7.27
N LEU A 36 9.04 0.93 6.26
CA LEU A 36 10.49 1.01 6.10
C LEU A 36 11.09 1.77 7.28
N ARG A 37 10.44 2.84 7.68
CA ARG A 37 10.95 3.64 8.81
C ARG A 37 10.97 2.82 10.09
N SER A 38 9.92 2.03 10.30
CA SER A 38 9.84 1.16 11.49
C SER A 38 10.83 0.00 11.39
N TRP A 39 11.05 -0.47 10.17
CA TRP A 39 11.96 -1.59 9.93
C TRP A 39 13.41 -1.28 10.35
N LYS A 40 13.83 -0.03 10.17
CA LYS A 40 15.20 0.33 10.52
C LYS A 40 15.47 0.01 11.98
N ARG A 41 14.54 0.30 12.87
CA ARG A 41 14.79 0.02 14.28
C ARG A 41 15.01 -1.47 14.49
N HIS A 42 14.12 -2.21 13.84
CA HIS A 42 14.13 -3.67 13.89
C HIS A 42 15.37 -4.22 13.17
N LEU A 43 15.79 -3.53 12.13
CA LEU A 43 16.98 -3.91 11.36
C LEU A 43 18.25 -3.43 12.03
N SER A 44 18.12 -2.68 13.12
CA SER A 44 19.29 -2.12 13.78
C SER A 44 20.36 -3.17 14.08
N ARG A 45 19.98 -4.34 14.58
CA ARG A 45 20.99 -5.36 14.90
C ARG A 45 21.77 -5.77 13.64
N PHE A 46 21.04 -6.14 12.59
CA PHE A 46 21.66 -6.55 11.34
C PHE A 46 22.42 -5.40 10.70
N TRP A 47 21.83 -4.21 10.75
CA TRP A 47 22.47 -3.02 10.18
C TRP A 47 23.80 -2.73 10.85
N ASN A 48 23.82 -2.83 12.17
CA ASN A 48 25.05 -2.56 12.92
C ASN A 48 26.13 -3.57 12.57
N ASP A 49 25.74 -4.83 12.44
CA ASP A 49 26.69 -5.90 12.13
C ASP A 49 27.14 -5.79 10.67
N PHE A 50 26.36 -5.05 9.88
CA PHE A 50 26.66 -4.85 8.46
C PHE A 50 26.76 -6.18 7.72
N MET A 1 19.17 25.95 -20.91
CA MET A 1 18.78 24.62 -21.46
C MET A 1 17.39 24.74 -22.10
N ALA A 2 16.70 23.62 -22.22
CA ALA A 2 15.37 23.60 -22.81
C ALA A 2 14.52 22.52 -22.15
N GLU A 3 13.21 22.74 -22.14
CA GLU A 3 12.29 21.79 -21.54
C GLU A 3 12.38 20.44 -22.25
N ALA A 4 12.25 19.36 -21.46
CA ALA A 4 12.31 18.02 -22.02
C ALA A 4 13.76 17.59 -22.25
N HIS A 5 14.62 18.56 -22.53
CA HIS A 5 16.04 18.28 -22.76
C HIS A 5 16.81 18.25 -21.44
N GLN A 6 16.16 18.70 -20.37
CA GLN A 6 16.80 18.71 -19.05
C GLN A 6 17.09 17.27 -18.60
N ALA A 7 16.16 16.36 -18.86
CA ALA A 7 16.33 14.97 -18.47
C ALA A 7 15.65 14.03 -19.46
N VAL A 8 16.22 12.83 -19.61
CA VAL A 8 15.66 11.85 -20.54
C VAL A 8 15.31 10.54 -19.81
N GLY A 9 14.11 10.03 -20.07
CA GLY A 9 13.67 8.78 -19.44
C GLY A 9 13.02 9.06 -18.09
N PHE A 10 12.89 10.34 -17.75
CA PHE A 10 12.28 10.74 -16.49
C PHE A 10 10.86 11.24 -16.69
N ARG A 11 10.35 11.07 -17.90
CA ARG A 11 9.00 11.52 -18.22
C ARG A 11 8.25 10.43 -19.00
N PRO A 12 7.78 9.43 -18.31
CA PRO A 12 7.04 8.30 -18.95
C PRO A 12 5.76 8.76 -19.65
N SER A 13 5.43 8.08 -20.75
CA SER A 13 4.24 8.43 -21.51
C SER A 13 2.99 8.27 -20.64
N LEU A 14 2.98 7.22 -19.82
CA LEU A 14 1.85 6.96 -18.95
C LEU A 14 2.18 7.36 -17.51
N THR A 15 1.27 8.10 -16.89
CA THR A 15 1.46 8.55 -15.52
C THR A 15 1.53 7.37 -14.55
N SER A 16 0.62 6.41 -14.73
CA SER A 16 0.56 5.21 -13.87
C SER A 16 -0.11 4.05 -14.60
N ASP A 17 0.09 2.85 -14.08
CA ASP A 17 -0.50 1.65 -14.68
C ASP A 17 -2.02 1.68 -14.58
N GLY A 18 -2.54 2.30 -13.52
CA GLY A 18 -3.98 2.39 -13.30
C GLY A 18 -4.34 3.51 -12.32
N ALA A 19 -5.63 3.80 -12.21
CA ALA A 19 -6.10 4.86 -11.31
C ALA A 19 -5.79 4.49 -9.85
N GLU A 20 -5.45 5.51 -9.04
CA GLU A 20 -5.12 5.28 -7.64
C GLU A 20 -6.34 4.77 -6.87
N VAL A 21 -7.51 5.29 -7.21
CA VAL A 21 -8.74 4.86 -6.54
C VAL A 21 -9.02 3.39 -6.82
N GLU A 22 -8.88 2.99 -8.08
CA GLU A 22 -9.14 1.60 -8.46
C GLU A 22 -8.14 0.64 -7.83
N LEU A 23 -6.88 1.06 -7.73
CA LEU A 23 -5.84 0.20 -7.16
C LEU A 23 -5.46 0.69 -5.76
N SER A 24 -5.50 -0.22 -4.80
CA SER A 24 -5.17 0.13 -3.41
C SER A 24 -3.75 0.70 -3.27
N ALA A 25 -3.19 1.27 -4.34
CA ALA A 25 -1.84 1.82 -4.29
C ALA A 25 -1.63 2.74 -3.08
N PRO A 26 -2.53 3.67 -2.84
CA PRO A 26 -2.39 4.63 -1.71
C PRO A 26 -2.16 3.91 -0.37
N VAL A 27 -2.87 2.81 -0.15
CA VAL A 27 -2.70 2.03 1.05
C VAL A 27 -1.32 1.38 1.06
N LEU A 28 -0.94 0.86 -0.10
CA LEU A 28 0.36 0.20 -0.21
C LEU A 28 1.49 1.19 0.04
N GLN A 29 1.36 2.40 -0.49
CA GLN A 29 2.38 3.42 -0.32
C GLN A 29 2.54 3.79 1.15
N GLU A 30 1.43 3.90 1.87
CA GLU A 30 1.50 4.23 3.29
C GLU A 30 2.18 3.11 4.07
N ILE A 31 1.87 1.88 3.72
CA ILE A 31 2.49 0.73 4.39
C ILE A 31 3.99 0.73 4.12
N TYR A 32 4.37 0.96 2.87
CA TYR A 32 5.78 0.98 2.50
C TYR A 32 6.53 2.07 3.26
N LEU A 33 5.97 3.26 3.28
CA LEU A 33 6.60 4.38 3.97
C LEU A 33 6.71 4.11 5.47
N SER A 34 5.64 3.56 6.03
CA SER A 34 5.61 3.25 7.46
C SER A 34 6.57 2.13 7.80
N GLY A 35 6.68 1.14 6.92
CA GLY A 35 7.57 0.02 7.15
C GLY A 35 9.04 0.45 7.09
N LEU A 36 9.39 1.30 6.13
CA LEU A 36 10.77 1.75 6.00
C LEU A 36 11.21 2.50 7.26
N ARG A 37 10.35 3.34 7.80
CA ARG A 37 10.70 4.08 9.01
C ARG A 37 10.91 3.13 10.18
N SER A 38 10.04 2.15 10.30
CA SER A 38 10.13 1.14 11.36
C SER A 38 11.28 0.17 11.12
N TRP A 39 11.51 -0.17 9.86
CA TRP A 39 12.55 -1.12 9.52
C TRP A 39 13.94 -0.67 9.96
N LYS A 40 14.25 0.62 9.87
CA LYS A 40 15.59 1.06 10.27
C LYS A 40 15.84 0.73 11.74
N ARG A 41 14.86 0.99 12.58
CA ARG A 41 15.01 0.72 14.02
C ARG A 41 15.19 -0.77 14.31
N HIS A 42 14.43 -1.59 13.61
CA HIS A 42 14.49 -3.05 13.76
C HIS A 42 15.66 -3.66 12.96
N LEU A 43 15.95 -3.04 11.82
CA LEU A 43 17.01 -3.52 10.92
C LEU A 43 18.42 -3.12 11.36
N SER A 44 18.58 -2.03 12.10
CA SER A 44 19.91 -1.60 12.49
C SER A 44 20.63 -2.68 13.30
N ARG A 45 19.97 -3.29 14.26
CA ARG A 45 20.63 -4.28 15.09
C ARG A 45 21.13 -5.48 14.26
N PHE A 46 20.25 -5.98 13.40
CA PHE A 46 20.57 -7.11 12.51
C PHE A 46 21.70 -6.76 11.55
N TRP A 47 21.63 -5.56 11.00
CA TRP A 47 22.63 -5.08 10.06
C TRP A 47 23.94 -4.72 10.76
N ASN A 48 23.85 -4.03 11.89
CA ASN A 48 25.03 -3.64 12.64
C ASN A 48 25.77 -4.88 13.14
N ASP A 49 25.01 -5.86 13.63
CA ASP A 49 25.60 -7.09 14.14
C ASP A 49 25.58 -8.17 13.05
N PHE A 50 26.74 -8.52 12.53
CA PHE A 50 26.83 -9.54 11.49
C PHE A 50 25.81 -9.23 10.40
N MET A 1 -41.91 5.74 -23.76
CA MET A 1 -40.75 5.24 -24.57
C MET A 1 -39.71 4.65 -23.62
N ALA A 2 -39.69 3.32 -23.53
CA ALA A 2 -38.74 2.65 -22.65
C ALA A 2 -37.31 2.93 -23.11
N GLU A 3 -37.11 3.00 -24.41
CA GLU A 3 -35.79 3.28 -24.96
C GLU A 3 -35.33 4.67 -24.58
N ALA A 4 -36.27 5.60 -24.54
CA ALA A 4 -35.95 6.98 -24.19
C ALA A 4 -35.44 7.07 -22.75
N HIS A 5 -36.04 6.26 -21.89
CA HIS A 5 -35.65 6.24 -20.48
C HIS A 5 -34.53 5.24 -20.24
N GLN A 6 -33.44 5.70 -19.64
CA GLN A 6 -32.30 4.83 -19.36
C GLN A 6 -31.72 5.15 -17.98
N ALA A 7 -31.05 4.16 -17.38
CA ALA A 7 -30.46 4.34 -16.06
C ALA A 7 -29.33 5.37 -16.12
N VAL A 8 -29.25 6.20 -15.08
CA VAL A 8 -28.22 7.22 -15.02
C VAL A 8 -26.82 6.60 -14.97
N GLY A 9 -26.67 5.56 -14.17
CA GLY A 9 -25.38 4.89 -14.04
C GLY A 9 -25.40 3.52 -14.74
N PHE A 10 -24.37 3.26 -15.54
CA PHE A 10 -24.28 1.99 -16.25
C PHE A 10 -24.20 0.83 -15.27
N ARG A 11 -23.39 1.02 -14.22
CA ARG A 11 -23.22 -0.01 -13.21
C ARG A 11 -23.19 0.62 -11.82
N PRO A 12 -24.34 0.95 -11.29
CA PRO A 12 -24.45 1.58 -9.93
C PRO A 12 -23.74 0.76 -8.86
N SER A 13 -23.84 -0.57 -8.98
CA SER A 13 -23.21 -1.48 -8.01
C SER A 13 -23.19 -0.87 -6.61
N LEU A 14 -22.12 -0.14 -6.30
CA LEU A 14 -21.99 0.49 -4.99
C LEU A 14 -22.09 2.01 -5.12
N THR A 15 -23.00 2.61 -4.37
CA THR A 15 -23.18 4.06 -4.41
C THR A 15 -22.52 4.71 -3.20
N SER A 16 -21.96 3.89 -2.32
CA SER A 16 -21.30 4.42 -1.12
C SER A 16 -20.00 5.13 -1.49
N ASP A 17 -19.67 6.17 -0.73
CA ASP A 17 -18.45 6.93 -0.99
C ASP A 17 -17.22 6.09 -0.66
N GLY A 18 -17.42 5.04 0.14
CA GLY A 18 -16.32 4.16 0.52
C GLY A 18 -15.80 3.36 -0.67
N ALA A 19 -14.60 2.82 -0.54
CA ALA A 19 -14.00 2.05 -1.61
C ALA A 19 -13.07 0.97 -1.05
N GLU A 20 -12.91 -0.12 -1.79
CA GLU A 20 -12.05 -1.21 -1.36
C GLU A 20 -10.59 -0.75 -1.31
N VAL A 21 -9.87 -1.23 -0.30
CA VAL A 21 -8.47 -0.88 -0.13
C VAL A 21 -7.62 -1.36 -1.30
N GLU A 22 -8.09 -2.39 -1.99
CA GLU A 22 -7.34 -2.92 -3.12
C GLU A 22 -7.17 -1.85 -4.21
N LEU A 23 -8.21 -1.07 -4.45
CA LEU A 23 -8.13 -0.02 -5.46
C LEU A 23 -7.09 1.02 -5.08
N SER A 24 -7.05 1.38 -3.80
CA SER A 24 -6.10 2.37 -3.32
C SER A 24 -4.67 1.87 -3.45
N ALA A 25 -3.96 2.36 -4.47
CA ALA A 25 -2.57 2.00 -4.67
C ALA A 25 -1.69 2.71 -3.63
N PRO A 26 -1.93 3.97 -3.40
CA PRO A 26 -1.14 4.81 -2.45
C PRO A 26 -1.12 4.27 -1.03
N VAL A 27 -2.14 3.50 -0.66
CA VAL A 27 -2.19 2.94 0.68
C VAL A 27 -1.03 1.96 0.85
N LEU A 28 -0.82 1.12 -0.15
CA LEU A 28 0.26 0.16 -0.12
C LEU A 28 1.60 0.87 -0.05
N GLN A 29 1.72 1.93 -0.84
CA GLN A 29 2.96 2.72 -0.86
C GLN A 29 3.19 3.39 0.51
N GLU A 30 2.13 3.91 1.10
CA GLU A 30 2.27 4.56 2.41
C GLU A 30 2.67 3.52 3.46
N ILE A 31 2.07 2.32 3.43
CA ILE A 31 2.44 1.26 4.39
C ILE A 31 3.91 0.85 4.16
N TYR A 32 4.31 0.70 2.89
CA TYR A 32 5.70 0.31 2.60
C TYR A 32 6.68 1.36 3.14
N LEU A 33 6.37 2.63 2.89
CA LEU A 33 7.24 3.71 3.37
C LEU A 33 7.27 3.73 4.89
N SER A 34 6.12 3.54 5.51
CA SER A 34 6.05 3.53 6.97
C SER A 34 6.79 2.33 7.55
N GLY A 35 6.73 1.20 6.84
CA GLY A 35 7.40 -0.01 7.30
C GLY A 35 8.91 0.17 7.26
N LEU A 36 9.42 0.85 6.24
CA LEU A 36 10.86 1.06 6.12
C LEU A 36 11.38 1.86 7.31
N ARG A 37 10.64 2.90 7.70
CA ARG A 37 11.07 3.71 8.84
C ARG A 37 11.10 2.87 10.12
N SER A 38 10.09 2.03 10.30
CA SER A 38 10.01 1.14 11.46
C SER A 38 11.05 0.02 11.38
N TRP A 39 11.28 -0.45 10.16
CA TRP A 39 12.23 -1.54 9.93
C TRP A 39 13.63 -1.18 10.41
N LYS A 40 14.05 0.06 10.26
CA LYS A 40 15.40 0.43 10.69
C LYS A 40 15.57 0.13 12.17
N ARG A 41 14.57 0.42 13.00
CA ARG A 41 14.72 0.15 14.41
C ARG A 41 14.85 -1.35 14.67
N HIS A 42 14.06 -2.11 13.90
CA HIS A 42 14.06 -3.58 13.96
C HIS A 42 15.31 -4.17 13.31
N LEU A 43 15.74 -3.54 12.22
CA LEU A 43 16.94 -3.94 11.48
C LEU A 43 18.22 -3.38 12.09
N SER A 44 18.11 -2.53 13.10
CA SER A 44 19.29 -1.90 13.68
C SER A 44 20.35 -2.93 14.04
N ARG A 45 19.97 -4.06 14.63
CA ARG A 45 21.00 -5.03 15.00
C ARG A 45 21.75 -5.51 13.77
N PHE A 46 21.01 -5.89 12.73
CA PHE A 46 21.60 -6.36 11.49
C PHE A 46 22.44 -5.27 10.83
N TRP A 47 21.88 -4.06 10.80
CA TRP A 47 22.55 -2.92 10.19
C TRP A 47 23.85 -2.57 10.90
N ASN A 48 23.82 -2.63 12.23
CA ASN A 48 25.00 -2.32 13.03
C ASN A 48 26.12 -3.31 12.72
N ASP A 49 25.76 -4.58 12.59
CA ASP A 49 26.75 -5.62 12.30
C ASP A 49 26.88 -5.82 10.79
N PHE A 50 28.03 -5.44 10.24
CA PHE A 50 28.28 -5.58 8.82
C PHE A 50 28.94 -6.92 8.52
N MET A 1 -4.66 18.64 13.07
CA MET A 1 -5.17 19.72 13.95
C MET A 1 -5.37 21.00 13.14
N ALA A 2 -4.64 22.05 13.52
CA ALA A 2 -4.74 23.32 12.82
C ALA A 2 -4.25 23.18 11.37
N GLU A 3 -3.21 22.38 11.18
CA GLU A 3 -2.66 22.16 9.85
C GLU A 3 -3.67 21.42 8.97
N ALA A 4 -4.39 20.47 9.56
CA ALA A 4 -5.38 19.70 8.83
C ALA A 4 -6.55 20.59 8.41
N HIS A 5 -7.09 20.32 7.23
CA HIS A 5 -8.22 21.10 6.73
C HIS A 5 -9.45 20.90 7.59
N GLN A 6 -9.69 19.66 8.00
CA GLN A 6 -10.84 19.36 8.84
C GLN A 6 -12.09 20.07 8.32
N ALA A 7 -12.78 20.78 9.21
CA ALA A 7 -14.00 21.49 8.84
C ALA A 7 -13.73 22.64 7.86
N VAL A 8 -12.62 23.35 8.06
CA VAL A 8 -12.30 24.50 7.19
C VAL A 8 -10.91 24.35 6.56
N GLY A 9 -10.85 24.56 5.25
CA GLY A 9 -9.59 24.46 4.53
C GLY A 9 -9.78 24.78 3.05
N PHE A 10 -8.72 24.55 2.27
CA PHE A 10 -8.78 24.81 0.83
C PHE A 10 -8.00 23.75 0.06
N ARG A 11 -8.41 23.51 -1.18
CA ARG A 11 -7.74 22.51 -2.01
C ARG A 11 -8.28 22.56 -3.45
N PRO A 12 -7.76 23.44 -4.27
CA PRO A 12 -8.20 23.56 -5.69
C PRO A 12 -8.13 22.23 -6.44
N SER A 13 -7.11 21.44 -6.12
CA SER A 13 -6.94 20.14 -6.77
C SER A 13 -8.01 19.17 -6.30
N LEU A 14 -8.41 18.25 -7.18
CA LEU A 14 -9.44 17.27 -6.84
C LEU A 14 -8.81 15.95 -6.41
N THR A 15 -9.30 15.42 -5.30
CA THR A 15 -8.78 14.16 -4.76
C THR A 15 -9.42 12.97 -5.46
N SER A 16 -8.86 11.78 -5.23
CA SER A 16 -9.38 10.56 -5.83
C SER A 16 -9.09 10.54 -7.34
N ASP A 17 -8.43 11.58 -7.82
CA ASP A 17 -8.09 11.66 -9.25
C ASP A 17 -6.70 11.07 -9.48
N GLY A 18 -6.07 10.62 -8.41
CA GLY A 18 -4.73 10.04 -8.51
C GLY A 18 -4.75 8.72 -9.26
N ALA A 19 -3.58 8.27 -9.69
CA ALA A 19 -3.45 7.02 -10.42
C ALA A 19 -3.75 5.82 -9.53
N GLU A 20 -4.30 4.77 -10.12
CA GLU A 20 -4.64 3.56 -9.38
C GLU A 20 -5.63 3.84 -8.26
N VAL A 21 -6.59 4.73 -8.54
CA VAL A 21 -7.60 5.07 -7.54
C VAL A 21 -8.45 3.84 -7.20
N GLU A 22 -8.66 2.99 -8.20
CA GLU A 22 -9.46 1.79 -8.00
C GLU A 22 -8.78 0.83 -7.04
N LEU A 23 -7.44 0.79 -7.10
CA LEU A 23 -6.67 -0.09 -6.23
C LEU A 23 -6.00 0.73 -5.13
N SER A 24 -6.24 0.33 -3.88
CA SER A 24 -5.68 1.03 -2.72
C SER A 24 -4.14 1.11 -2.77
N ALA A 25 -3.56 1.09 -3.96
CA ALA A 25 -2.10 1.14 -4.09
C ALA A 25 -1.52 2.30 -3.28
N PRO A 26 -2.06 3.49 -3.39
CA PRO A 26 -1.54 4.67 -2.64
C PRO A 26 -1.43 4.39 -1.15
N VAL A 27 -2.41 3.69 -0.60
CA VAL A 27 -2.39 3.32 0.81
C VAL A 27 -1.26 2.32 1.05
N LEU A 28 -1.15 1.37 0.14
CA LEU A 28 -0.11 0.35 0.25
C LEU A 28 1.28 0.98 0.21
N GLN A 29 1.46 1.96 -0.68
CA GLN A 29 2.75 2.63 -0.81
C GLN A 29 3.09 3.37 0.49
N GLU A 30 2.10 4.02 1.08
CA GLU A 30 2.33 4.74 2.33
C GLU A 30 2.66 3.76 3.46
N ILE A 31 1.97 2.62 3.49
CA ILE A 31 2.24 1.61 4.51
C ILE A 31 3.66 1.06 4.34
N TYR A 32 4.05 0.80 3.08
CA TYR A 32 5.40 0.28 2.79
C TYR A 32 6.46 1.31 3.22
N LEU A 33 6.20 2.58 2.88
CA LEU A 33 7.16 3.63 3.28
C LEU A 33 7.25 3.74 4.82
N SER A 34 6.09 3.63 5.46
CA SER A 34 6.03 3.72 6.92
C SER A 34 6.73 2.54 7.55
N GLY A 35 6.55 1.37 6.95
CA GLY A 35 7.15 0.16 7.46
C GLY A 35 8.68 0.23 7.38
N LEU A 36 9.20 0.82 6.30
CA LEU A 36 10.64 0.93 6.14
C LEU A 36 11.24 1.76 7.27
N ARG A 37 10.58 2.86 7.63
CA ARG A 37 11.07 3.70 8.71
C ARG A 37 11.08 2.92 10.04
N SER A 38 10.04 2.13 10.26
CA SER A 38 9.94 1.31 11.46
C SER A 38 10.95 0.15 11.41
N TRP A 39 11.14 -0.40 10.21
CA TRP A 39 12.05 -1.53 10.02
C TRP A 39 13.47 -1.20 10.45
N LYS A 40 13.88 0.06 10.28
CA LYS A 40 15.25 0.43 10.64
C LYS A 40 15.49 0.15 12.13
N ARG A 41 14.52 0.41 12.99
CA ARG A 41 14.75 0.14 14.40
C ARG A 41 15.01 -1.37 14.62
N HIS A 42 14.17 -2.14 13.92
CA HIS A 42 14.24 -3.60 13.95
C HIS A 42 15.47 -4.11 13.18
N LEU A 43 15.82 -3.40 12.13
CA LEU A 43 16.96 -3.73 11.26
C LEU A 43 18.28 -3.24 11.87
N SER A 44 18.20 -2.49 12.97
CA SER A 44 19.40 -1.92 13.58
C SER A 44 20.42 -2.99 13.94
N ARG A 45 20.01 -4.10 14.56
CA ARG A 45 20.99 -5.10 14.94
C ARG A 45 21.73 -5.63 13.70
N PHE A 46 20.98 -6.01 12.68
CA PHE A 46 21.58 -6.53 11.45
C PHE A 46 22.37 -5.43 10.72
N TRP A 47 21.82 -4.22 10.72
CA TRP A 47 22.46 -3.11 10.05
C TRP A 47 23.81 -2.76 10.70
N ASN A 48 23.85 -2.79 12.02
CA ASN A 48 25.07 -2.49 12.74
C ASN A 48 26.15 -3.52 12.42
N ASP A 49 25.75 -4.79 12.35
CA ASP A 49 26.69 -5.86 12.05
C ASP A 49 27.29 -5.67 10.66
N PHE A 50 26.45 -5.28 9.70
CA PHE A 50 26.91 -5.06 8.33
C PHE A 50 28.10 -4.11 8.32
N MET A 1 6.68 8.27 -20.31
CA MET A 1 7.80 7.40 -19.83
C MET A 1 7.44 6.82 -18.47
N ALA A 2 7.04 5.56 -18.45
CA ALA A 2 6.67 4.90 -17.20
C ALA A 2 7.90 4.71 -16.32
N GLU A 3 7.71 4.88 -15.01
CA GLU A 3 8.81 4.73 -14.07
C GLU A 3 9.29 3.28 -14.04
N ALA A 4 8.35 2.35 -14.07
CA ALA A 4 8.69 0.93 -14.05
C ALA A 4 7.55 0.10 -14.64
N HIS A 5 7.92 -1.04 -15.23
CA HIS A 5 6.92 -1.93 -15.83
C HIS A 5 6.01 -2.52 -14.75
N GLN A 6 6.59 -2.89 -13.62
CA GLN A 6 5.83 -3.46 -12.53
C GLN A 6 4.83 -2.45 -11.95
N ALA A 7 5.26 -1.20 -11.84
CA ALA A 7 4.39 -0.16 -11.31
C ALA A 7 3.17 0.06 -12.18
N VAL A 8 3.35 0.02 -13.49
CA VAL A 8 2.23 0.20 -14.43
C VAL A 8 2.25 -0.85 -15.51
N GLY A 9 1.08 -1.38 -15.84
CA GLY A 9 0.96 -2.40 -16.86
C GLY A 9 -0.50 -2.75 -17.14
N PHE A 10 -0.72 -3.76 -17.97
CA PHE A 10 -2.08 -4.17 -18.31
C PHE A 10 -2.72 -4.93 -17.15
N ARG A 11 -4.01 -4.71 -16.94
CA ARG A 11 -4.73 -5.37 -15.87
C ARG A 11 -6.20 -5.60 -16.25
N PRO A 12 -6.44 -6.43 -17.24
CA PRO A 12 -7.81 -6.74 -17.71
C PRO A 12 -8.60 -7.60 -16.73
N SER A 13 -9.92 -7.54 -16.82
CA SER A 13 -10.79 -8.30 -15.94
C SER A 13 -10.56 -9.80 -16.11
N LEU A 14 -10.26 -10.22 -17.34
CA LEU A 14 -10.05 -11.64 -17.61
C LEU A 14 -8.85 -12.17 -16.81
N THR A 15 -7.77 -11.41 -16.78
CA THR A 15 -6.59 -11.81 -16.02
C THR A 15 -6.92 -11.91 -14.54
N SER A 16 -7.62 -10.89 -14.05
CA SER A 16 -7.99 -10.84 -12.63
C SER A 16 -9.17 -11.78 -12.36
N ASP A 17 -9.38 -12.08 -11.09
CA ASP A 17 -10.48 -12.96 -10.70
C ASP A 17 -11.73 -12.15 -10.39
N GLY A 18 -11.62 -10.83 -10.55
CA GLY A 18 -12.75 -9.95 -10.27
C GLY A 18 -12.80 -9.58 -8.79
N ALA A 19 -11.74 -9.94 -8.07
CA ALA A 19 -11.69 -9.63 -6.64
C ALA A 19 -11.57 -8.13 -6.41
N GLU A 20 -12.20 -7.66 -5.35
CA GLU A 20 -12.17 -6.23 -5.01
C GLU A 20 -11.43 -6.02 -3.70
N VAL A 21 -10.55 -5.02 -3.68
CA VAL A 21 -9.77 -4.71 -2.48
C VAL A 21 -9.87 -3.23 -2.13
N GLU A 22 -10.08 -2.95 -0.85
CA GLU A 22 -10.19 -1.57 -0.38
C GLU A 22 -8.85 -0.85 -0.54
N LEU A 23 -7.76 -1.58 -0.33
CA LEU A 23 -6.43 -0.99 -0.43
C LEU A 23 -6.08 -0.71 -1.89
N SER A 24 -5.30 0.34 -2.10
CA SER A 24 -4.91 0.74 -3.45
C SER A 24 -3.43 1.16 -3.46
N ALA A 25 -2.88 1.34 -4.66
CA ALA A 25 -1.48 1.70 -4.81
C ALA A 25 -1.05 2.85 -3.90
N PRO A 26 -1.74 3.97 -3.92
CA PRO A 26 -1.37 5.14 -3.06
C PRO A 26 -1.25 4.74 -1.59
N VAL A 27 -2.18 3.93 -1.12
CA VAL A 27 -2.15 3.45 0.26
C VAL A 27 -0.95 2.53 0.45
N LEU A 28 -0.73 1.67 -0.53
CA LEU A 28 0.38 0.72 -0.46
C LEU A 28 1.71 1.44 -0.38
N GLN A 29 1.86 2.50 -1.17
CA GLN A 29 3.10 3.27 -1.17
C GLN A 29 3.35 3.89 0.21
N GLU A 30 2.28 4.40 0.83
CA GLU A 30 2.41 5.01 2.16
C GLU A 30 2.77 3.92 3.18
N ILE A 31 2.15 2.75 3.07
CA ILE A 31 2.45 1.67 3.99
C ILE A 31 3.90 1.24 3.82
N TYR A 32 4.34 1.10 2.57
CA TYR A 32 5.72 0.69 2.33
C TYR A 32 6.68 1.70 2.93
N LEU A 33 6.42 2.99 2.70
CA LEU A 33 7.31 4.04 3.23
C LEU A 33 7.33 3.95 4.79
N SER A 34 6.12 3.87 5.35
CA SER A 34 6.02 3.79 6.84
C SER A 34 6.72 2.51 7.34
N GLY A 35 6.61 1.42 6.55
CA GLY A 35 7.26 0.16 6.94
C GLY A 35 8.78 0.33 7.02
N LEU A 36 9.36 1.08 6.09
CA LEU A 36 10.80 1.28 6.07
C LEU A 36 11.25 1.98 7.35
N ARG A 37 10.47 2.94 7.80
CA ARG A 37 10.81 3.66 9.03
C ARG A 37 10.80 2.71 10.22
N SER A 38 9.79 1.85 10.28
CA SER A 38 9.67 0.86 11.36
C SER A 38 10.73 -0.24 11.22
N TRP A 39 11.04 -0.58 9.98
CA TRP A 39 12.03 -1.63 9.70
C TRP A 39 13.40 -1.28 10.29
N LYS A 40 13.75 -0.01 10.27
CA LYS A 40 15.06 0.39 10.81
C LYS A 40 15.16 -0.10 12.25
N ARG A 41 14.12 0.06 13.04
CA ARG A 41 14.17 -0.38 14.43
C ARG A 41 14.42 -1.89 14.51
N HIS A 42 13.69 -2.60 13.64
CA HIS A 42 13.78 -4.06 13.53
C HIS A 42 15.08 -4.50 12.87
N LEU A 43 15.54 -3.69 11.91
CA LEU A 43 16.78 -3.94 11.17
C LEU A 43 18.00 -3.43 11.92
N SER A 44 17.80 -2.76 13.05
CA SER A 44 18.92 -2.18 13.79
C SER A 44 20.01 -3.21 14.05
N ARG A 45 19.66 -4.43 14.46
CA ARG A 45 20.70 -5.41 14.74
C ARG A 45 21.55 -5.66 13.49
N PHE A 46 20.89 -5.96 12.38
CA PHE A 46 21.57 -6.20 11.12
C PHE A 46 22.34 -4.97 10.67
N TRP A 47 21.67 -3.82 10.77
CA TRP A 47 22.27 -2.55 10.37
C TRP A 47 23.49 -2.22 11.22
N ASN A 48 23.40 -2.47 12.52
CA ASN A 48 24.50 -2.20 13.43
C ASN A 48 25.71 -3.05 13.06
N ASP A 49 25.48 -4.31 12.72
CA ASP A 49 26.55 -5.21 12.33
C ASP A 49 27.26 -4.71 11.09
N PHE A 50 26.47 -4.22 10.12
CA PHE A 50 27.03 -3.72 8.88
C PHE A 50 26.23 -2.52 8.38
N MET A 1 9.65 24.59 -5.73
CA MET A 1 8.47 25.46 -5.48
C MET A 1 8.11 25.40 -3.99
N ALA A 2 7.80 26.56 -3.42
CA ALA A 2 7.45 26.61 -2.01
C ALA A 2 6.14 25.84 -1.78
N GLU A 3 5.22 25.95 -2.73
CA GLU A 3 3.93 25.27 -2.61
C GLU A 3 3.28 25.57 -1.27
N ALA A 4 2.63 26.73 -1.18
CA ALA A 4 1.96 27.12 0.06
C ALA A 4 0.79 28.06 -0.24
N HIS A 5 -0.19 28.04 0.66
CA HIS A 5 -1.38 28.89 0.53
C HIS A 5 -1.40 29.96 1.61
N GLN A 6 -1.75 31.19 1.22
CA GLN A 6 -1.79 32.30 2.17
C GLN A 6 -2.88 32.06 3.23
N ALA A 7 -3.99 31.49 2.79
CA ALA A 7 -5.10 31.21 3.71
C ALA A 7 -5.56 29.77 3.57
N VAL A 8 -6.18 29.25 4.62
CA VAL A 8 -6.66 27.86 4.62
C VAL A 8 -8.11 27.80 5.10
N GLY A 9 -8.78 26.69 4.83
CA GLY A 9 -10.16 26.53 5.24
C GLY A 9 -10.67 25.13 4.92
N PHE A 10 -12.00 24.97 4.92
CA PHE A 10 -12.59 23.67 4.62
C PHE A 10 -13.17 23.68 3.20
N ARG A 11 -12.61 22.83 2.35
CA ARG A 11 -13.06 22.73 0.97
C ARG A 11 -12.45 21.51 0.28
N PRO A 12 -13.04 20.36 0.41
CA PRO A 12 -12.51 19.10 -0.21
C PRO A 12 -12.48 19.20 -1.73
N SER A 13 -11.49 18.56 -2.34
CA SER A 13 -11.39 18.57 -3.79
C SER A 13 -10.63 17.33 -4.27
N LEU A 14 -10.74 17.03 -5.55
CA LEU A 14 -10.05 15.86 -6.10
C LEU A 14 -8.55 16.04 -5.94
N THR A 15 -8.09 17.26 -6.20
CA THR A 15 -6.67 17.59 -6.08
C THR A 15 -5.82 16.76 -7.04
N SER A 16 -5.93 15.43 -6.94
CA SER A 16 -5.17 14.55 -7.80
C SER A 16 -5.74 14.58 -9.22
N ASP A 17 -4.86 14.39 -10.20
CA ASP A 17 -5.28 14.41 -11.59
C ASP A 17 -5.67 13.01 -12.04
N GLY A 18 -5.63 12.06 -11.09
CA GLY A 18 -5.97 10.68 -11.38
C GLY A 18 -4.85 9.75 -10.93
N ALA A 19 -5.09 8.45 -11.01
CA ALA A 19 -4.09 7.47 -10.61
C ALA A 19 -4.09 6.27 -11.53
N GLU A 20 -2.92 5.66 -11.71
CA GLU A 20 -2.82 4.50 -12.58
C GLU A 20 -3.60 3.32 -11.99
N VAL A 21 -3.53 3.15 -10.67
CA VAL A 21 -4.24 2.04 -10.01
C VAL A 21 -5.18 2.57 -8.93
N GLU A 22 -6.42 2.12 -8.97
CA GLU A 22 -7.41 2.54 -7.99
C GLU A 22 -7.66 1.44 -6.98
N LEU A 23 -6.88 0.37 -7.08
CA LEU A 23 -7.04 -0.77 -6.17
C LEU A 23 -6.78 -0.36 -4.72
N SER A 24 -5.73 0.44 -4.52
CA SER A 24 -5.36 0.92 -3.20
C SER A 24 -3.88 1.28 -3.18
N ALA A 25 -3.31 1.49 -4.37
CA ALA A 25 -1.90 1.82 -4.48
C ALA A 25 -1.52 2.95 -3.53
N PRO A 26 -2.23 4.05 -3.53
CA PRO A 26 -1.89 5.22 -2.65
C PRO A 26 -1.75 4.84 -1.17
N VAL A 27 -2.71 4.06 -0.65
CA VAL A 27 -2.63 3.66 0.75
C VAL A 27 -1.53 2.61 0.94
N LEU A 28 -1.40 1.72 -0.04
CA LEU A 28 -0.38 0.68 0.04
C LEU A 28 1.03 1.28 0.07
N GLN A 29 1.26 2.30 -0.76
CA GLN A 29 2.59 2.94 -0.85
C GLN A 29 2.97 3.61 0.47
N GLU A 30 2.00 4.23 1.11
CA GLU A 30 2.26 4.88 2.39
C GLU A 30 2.61 3.83 3.43
N ILE A 31 1.93 2.69 3.38
CA ILE A 31 2.23 1.63 4.32
C ILE A 31 3.64 1.10 4.13
N TYR A 32 4.05 0.90 2.90
CA TYR A 32 5.40 0.40 2.64
C TYR A 32 6.45 1.38 3.17
N LEU A 33 6.25 2.67 2.90
CA LEU A 33 7.19 3.70 3.36
C LEU A 33 7.28 3.76 4.87
N SER A 34 6.12 3.69 5.54
CA SER A 34 6.09 3.75 6.99
C SER A 34 6.73 2.50 7.58
N GLY A 35 6.50 1.35 6.93
CA GLY A 35 7.06 0.10 7.40
C GLY A 35 8.59 0.12 7.30
N LEU A 36 9.13 0.70 6.23
CA LEU A 36 10.58 0.75 6.06
C LEU A 36 11.23 1.55 7.19
N ARG A 37 10.62 2.68 7.56
CA ARG A 37 11.17 3.50 8.63
C ARG A 37 11.18 2.74 9.97
N SER A 38 10.10 2.02 10.25
CA SER A 38 10.01 1.24 11.47
C SER A 38 10.93 0.03 11.40
N TRP A 39 11.09 -0.51 10.19
CA TRP A 39 11.92 -1.69 9.95
C TRP A 39 13.37 -1.43 10.32
N LYS A 40 13.86 -0.22 10.02
CA LYS A 40 15.24 0.13 10.32
C LYS A 40 15.54 0.00 11.81
N ARG A 41 14.58 0.34 12.66
CA ARG A 41 14.84 0.24 14.09
C ARG A 41 15.10 -1.23 14.49
N HIS A 42 14.34 -2.12 13.86
CA HIS A 42 14.50 -3.55 14.14
C HIS A 42 15.71 -4.08 13.37
N LEU A 43 16.12 -3.30 12.38
CA LEU A 43 17.26 -3.63 11.55
C LEU A 43 18.56 -3.21 12.22
N SER A 44 18.47 -2.52 13.36
CA SER A 44 19.65 -2.02 14.04
C SER A 44 20.66 -3.14 14.34
N ARG A 45 20.22 -4.30 14.84
CA ARG A 45 21.17 -5.36 15.15
C ARG A 45 21.93 -5.81 13.89
N PHE A 46 21.18 -6.11 12.82
CA PHE A 46 21.78 -6.55 11.56
C PHE A 46 22.58 -5.41 10.90
N TRP A 47 22.04 -4.20 10.98
CA TRP A 47 22.69 -3.05 10.39
C TRP A 47 24.04 -2.76 11.06
N ASN A 48 24.09 -2.84 12.38
CA ASN A 48 25.33 -2.59 13.11
C ASN A 48 26.39 -3.62 12.73
N ASP A 49 25.98 -4.88 12.61
CA ASP A 49 26.91 -5.94 12.24
C ASP A 49 27.46 -5.69 10.84
N PHE A 50 26.57 -5.30 9.94
CA PHE A 50 26.98 -5.04 8.56
C PHE A 50 27.75 -3.72 8.46
N MET A 1 -27.03 -3.56 -23.98
CA MET A 1 -28.06 -3.28 -22.94
C MET A 1 -28.14 -4.48 -21.99
N ALA A 2 -27.06 -4.75 -21.28
CA ALA A 2 -27.04 -5.87 -20.35
C ALA A 2 -28.03 -5.63 -19.21
N GLU A 3 -28.70 -6.71 -18.80
CA GLU A 3 -29.67 -6.63 -17.73
C GLU A 3 -28.98 -6.22 -16.43
N ALA A 4 -29.63 -5.33 -15.68
CA ALA A 4 -29.08 -4.87 -14.40
C ALA A 4 -28.95 -6.03 -13.43
N HIS A 5 -29.90 -6.96 -13.51
CA HIS A 5 -29.90 -8.13 -12.64
C HIS A 5 -29.68 -9.41 -13.44
N GLN A 6 -28.95 -10.35 -12.83
CA GLN A 6 -28.65 -11.63 -13.48
C GLN A 6 -29.25 -12.79 -12.68
N ALA A 7 -30.05 -13.62 -13.36
CA ALA A 7 -30.68 -14.75 -12.70
C ALA A 7 -29.65 -15.76 -12.21
N VAL A 8 -28.59 -15.95 -12.99
CA VAL A 8 -27.53 -16.89 -12.63
C VAL A 8 -26.21 -16.16 -12.45
N GLY A 9 -25.54 -16.41 -11.33
CA GLY A 9 -24.26 -15.75 -11.05
C GLY A 9 -23.68 -16.25 -9.74
N PHE A 10 -22.60 -15.63 -9.29
CA PHE A 10 -21.96 -16.02 -8.05
C PHE A 10 -22.59 -15.29 -6.88
N ARG A 11 -23.05 -16.06 -5.90
CA ARG A 11 -23.71 -15.49 -4.71
C ARG A 11 -22.96 -14.25 -4.21
N PRO A 12 -23.57 -13.45 -3.34
CA PRO A 12 -22.92 -12.23 -2.80
C PRO A 12 -21.65 -12.58 -2.03
N SER A 13 -20.65 -11.71 -2.13
CA SER A 13 -19.39 -11.95 -1.43
C SER A 13 -19.54 -11.56 0.04
N LEU A 14 -18.64 -12.07 0.88
CA LEU A 14 -18.69 -11.73 2.31
C LEU A 14 -18.45 -10.24 2.48
N THR A 15 -17.51 -9.70 1.70
CA THR A 15 -17.21 -8.26 1.78
C THR A 15 -18.18 -7.50 0.87
N SER A 16 -18.25 -6.18 1.05
CA SER A 16 -19.14 -5.36 0.25
C SER A 16 -18.57 -5.13 -1.15
N ASP A 17 -19.43 -4.79 -2.09
CA ASP A 17 -19.01 -4.55 -3.47
C ASP A 17 -18.17 -3.27 -3.56
N GLY A 18 -17.14 -3.30 -4.40
CA GLY A 18 -16.28 -2.13 -4.57
C GLY A 18 -15.31 -2.02 -3.41
N ALA A 19 -15.08 -3.12 -2.70
CA ALA A 19 -14.18 -3.13 -1.56
C ALA A 19 -12.75 -2.75 -1.98
N GLU A 20 -12.44 -2.97 -3.25
CA GLU A 20 -11.10 -2.68 -3.78
C GLU A 20 -10.76 -1.19 -3.67
N VAL A 21 -11.77 -0.33 -3.81
CA VAL A 21 -11.54 1.12 -3.75
C VAL A 21 -10.95 1.53 -2.39
N GLU A 22 -11.23 0.75 -1.36
CA GLU A 22 -10.72 1.05 -0.02
C GLU A 22 -9.19 1.02 -0.02
N LEU A 23 -8.62 0.03 -0.71
CA LEU A 23 -7.16 -0.10 -0.78
C LEU A 23 -6.69 0.08 -2.21
N SER A 24 -5.71 0.97 -2.41
CA SER A 24 -5.18 1.26 -3.73
C SER A 24 -3.67 1.55 -3.68
N ALA A 25 -3.05 1.67 -4.85
CA ALA A 25 -1.61 1.88 -4.93
C ALA A 25 -1.13 2.99 -3.99
N PRO A 26 -1.72 4.16 -4.01
CA PRO A 26 -1.27 5.27 -3.12
C PRO A 26 -1.25 4.86 -1.65
N VAL A 27 -2.27 4.10 -1.24
CA VAL A 27 -2.35 3.61 0.13
C VAL A 27 -1.23 2.60 0.37
N LEU A 28 -1.04 1.73 -0.61
CA LEU A 28 -0.01 0.69 -0.52
C LEU A 28 1.39 1.31 -0.44
N GLN A 29 1.63 2.35 -1.23
CA GLN A 29 2.95 2.99 -1.24
C GLN A 29 3.26 3.62 0.11
N GLU A 30 2.27 4.26 0.71
CA GLU A 30 2.50 4.89 2.00
C GLU A 30 2.73 3.83 3.08
N ILE A 31 1.99 2.73 3.03
CA ILE A 31 2.19 1.67 4.02
C ILE A 31 3.60 1.11 3.88
N TYR A 32 4.03 0.87 2.65
CA TYR A 32 5.36 0.33 2.41
C TYR A 32 6.44 1.29 2.95
N LEU A 33 6.31 2.58 2.64
CA LEU A 33 7.29 3.55 3.12
C LEU A 33 7.28 3.63 4.63
N SER A 34 6.09 3.61 5.21
CA SER A 34 5.95 3.68 6.65
C SER A 34 6.54 2.43 7.29
N GLY A 35 6.38 1.29 6.60
CA GLY A 35 6.92 0.02 7.10
C GLY A 35 8.44 0.05 7.10
N LEU A 36 9.02 0.72 6.10
CA LEU A 36 10.46 0.81 5.99
C LEU A 36 11.04 1.56 7.20
N ARG A 37 10.39 2.63 7.60
CA ARG A 37 10.85 3.38 8.75
C ARG A 37 10.80 2.52 10.01
N SER A 38 9.71 1.77 10.16
CA SER A 38 9.57 0.88 11.30
C SER A 38 10.54 -0.29 11.19
N TRP A 39 10.76 -0.74 9.95
CA TRP A 39 11.64 -1.87 9.66
C TRP A 39 13.07 -1.60 10.12
N LYS A 40 13.52 -0.36 9.96
CA LYS A 40 14.89 0.05 10.31
C LYS A 40 15.16 -0.20 11.81
N ARG A 41 14.17 -0.07 12.70
CA ARG A 41 14.47 -0.34 14.11
C ARG A 41 14.90 -1.79 14.25
N HIS A 42 14.14 -2.64 13.56
CA HIS A 42 14.42 -4.07 13.55
C HIS A 42 15.75 -4.35 12.86
N LEU A 43 16.17 -3.40 12.03
CA LEU A 43 17.43 -3.48 11.30
C LEU A 43 18.61 -3.05 12.18
N SER A 44 18.34 -2.51 13.36
CA SER A 44 19.41 -2.00 14.22
C SER A 44 20.45 -3.06 14.55
N ARG A 45 20.05 -4.27 14.93
CA ARG A 45 21.07 -5.27 15.27
C ARG A 45 21.95 -5.58 14.07
N PHE A 46 21.33 -5.83 12.94
CA PHE A 46 22.06 -6.11 11.71
C PHE A 46 22.91 -4.91 11.30
N TRP A 47 22.31 -3.73 11.39
CA TRP A 47 23.00 -2.49 11.03
C TRP A 47 24.24 -2.23 11.89
N ASN A 48 24.13 -2.48 13.19
CA ASN A 48 25.24 -2.28 14.11
C ASN A 48 26.40 -3.22 13.76
N ASP A 49 26.07 -4.46 13.42
CA ASP A 49 27.09 -5.44 13.08
C ASP A 49 27.28 -5.48 11.56
N PHE A 50 28.43 -5.00 11.11
CA PHE A 50 28.74 -4.96 9.69
C PHE A 50 28.44 -6.31 9.05
N MET A 1 -13.24 27.09 2.24
CA MET A 1 -13.87 28.28 2.89
C MET A 1 -14.72 27.83 4.06
N ALA A 2 -15.81 27.10 3.75
CA ALA A 2 -16.71 26.62 4.80
C ALA A 2 -17.16 25.19 4.52
N GLU A 3 -17.55 24.49 5.59
CA GLU A 3 -18.02 23.12 5.47
C GLU A 3 -19.33 23.07 4.69
N ALA A 4 -19.49 22.05 3.84
CA ALA A 4 -20.70 21.93 3.04
C ALA A 4 -21.17 20.47 3.02
N HIS A 5 -22.49 20.30 2.94
CA HIS A 5 -23.07 18.95 2.93
C HIS A 5 -22.67 18.21 1.66
N GLN A 6 -22.68 18.90 0.52
CA GLN A 6 -22.31 18.28 -0.74
C GLN A 6 -20.84 17.87 -0.70
N ALA A 7 -20.02 18.75 -0.14
CA ALA A 7 -18.59 18.48 -0.03
C ALA A 7 -18.35 17.29 0.90
N VAL A 8 -19.13 17.20 1.97
CA VAL A 8 -18.99 16.11 2.92
C VAL A 8 -19.29 14.78 2.24
N GLY A 9 -20.38 14.77 1.46
CA GLY A 9 -20.78 13.56 0.76
C GLY A 9 -21.56 12.62 1.67
N PHE A 10 -22.03 11.51 1.10
CA PHE A 10 -22.79 10.54 1.87
C PHE A 10 -21.96 9.27 2.06
N ARG A 11 -22.08 8.69 3.25
CA ARG A 11 -21.34 7.48 3.56
C ARG A 11 -21.83 6.87 4.87
N PRO A 12 -22.99 6.29 4.85
CA PRO A 12 -23.58 5.65 6.06
C PRO A 12 -22.70 4.54 6.63
N SER A 13 -22.69 4.45 7.95
CA SER A 13 -21.88 3.44 8.62
C SER A 13 -22.40 2.03 8.31
N LEU A 14 -23.66 1.93 7.90
CA LEU A 14 -24.23 0.64 7.59
C LEU A 14 -23.69 0.12 6.26
N THR A 15 -23.41 -1.17 6.22
CA THR A 15 -22.90 -1.79 5.00
C THR A 15 -21.63 -1.08 4.53
N SER A 16 -20.95 -1.68 3.55
CA SER A 16 -19.72 -1.11 3.02
C SER A 16 -20.01 0.08 2.11
N ASP A 17 -18.98 0.89 1.87
CA ASP A 17 -19.11 2.06 1.01
C ASP A 17 -18.71 1.72 -0.42
N GLY A 18 -18.32 0.48 -0.65
CA GLY A 18 -17.92 0.04 -1.98
C GLY A 18 -16.43 0.30 -2.23
N ALA A 19 -15.73 0.74 -1.20
CA ALA A 19 -14.29 1.02 -1.32
C ALA A 19 -13.52 -0.27 -1.56
N GLU A 20 -12.48 -0.19 -2.37
CA GLU A 20 -11.66 -1.37 -2.68
C GLU A 20 -10.22 -1.17 -2.24
N VAL A 21 -9.71 -2.12 -1.47
CA VAL A 21 -8.36 -2.07 -0.97
C VAL A 21 -7.36 -2.13 -2.13
N GLU A 22 -7.62 -3.01 -3.09
CA GLU A 22 -6.74 -3.18 -4.23
C GLU A 22 -6.71 -1.91 -5.09
N LEU A 23 -7.86 -1.26 -5.25
CA LEU A 23 -7.92 -0.05 -6.05
C LEU A 23 -7.03 1.02 -5.42
N SER A 24 -7.10 1.15 -4.11
CA SER A 24 -6.31 2.14 -3.40
C SER A 24 -4.82 1.89 -3.61
N ALA A 25 -4.22 2.68 -4.50
CA ALA A 25 -2.78 2.58 -4.75
C ALA A 25 -1.98 3.18 -3.59
N PRO A 26 -2.42 4.32 -3.09
CA PRO A 26 -1.76 5.04 -1.96
C PRO A 26 -1.64 4.23 -0.68
N VAL A 27 -2.53 3.26 -0.48
CA VAL A 27 -2.47 2.43 0.71
C VAL A 27 -1.19 1.59 0.72
N LEU A 28 -0.89 0.99 -0.43
CA LEU A 28 0.30 0.17 -0.56
C LEU A 28 1.55 1.03 -0.36
N GLN A 29 1.53 2.24 -0.93
CA GLN A 29 2.66 3.15 -0.81
C GLN A 29 2.86 3.61 0.63
N GLU A 30 1.77 3.89 1.34
CA GLU A 30 1.88 4.33 2.73
C GLU A 30 2.43 3.21 3.61
N ILE A 31 2.02 1.98 3.35
CA ILE A 31 2.50 0.87 4.14
C ILE A 31 4.01 0.66 3.95
N TYR A 32 4.48 0.73 2.70
CA TYR A 32 5.92 0.53 2.45
C TYR A 32 6.75 1.61 3.17
N LEU A 33 6.33 2.86 3.06
CA LEU A 33 7.06 3.95 3.73
C LEU A 33 7.04 3.78 5.24
N SER A 34 5.88 3.40 5.78
CA SER A 34 5.75 3.18 7.22
C SER A 34 6.66 2.05 7.68
N GLY A 35 6.72 0.98 6.89
CA GLY A 35 7.55 -0.17 7.23
C GLY A 35 9.04 0.18 7.20
N LEU A 36 9.47 0.99 6.23
CA LEU A 36 10.88 1.36 6.11
C LEU A 36 11.35 2.12 7.35
N ARG A 37 10.56 3.06 7.84
CA ARG A 37 10.96 3.80 9.04
C ARG A 37 11.06 2.86 10.24
N SER A 38 10.10 1.94 10.35
CA SER A 38 10.09 0.95 11.42
C SER A 38 11.18 -0.08 11.25
N TRP A 39 11.44 -0.46 9.99
CA TRP A 39 12.44 -1.47 9.67
C TRP A 39 13.84 -1.06 10.14
N LYS A 40 14.19 0.22 10.00
CA LYS A 40 15.52 0.66 10.41
C LYS A 40 15.74 0.41 11.90
N ARG A 41 14.73 0.68 12.72
CA ARG A 41 14.87 0.47 14.16
C ARG A 41 15.05 -1.01 14.48
N HIS A 42 14.34 -1.82 13.70
CA HIS A 42 14.40 -3.28 13.84
C HIS A 42 15.64 -3.85 13.15
N LEU A 43 16.04 -3.21 12.06
CA LEU A 43 17.20 -3.61 11.26
C LEU A 43 18.52 -3.12 11.87
N SER A 44 18.48 -2.20 12.82
CA SER A 44 19.72 -1.67 13.40
C SER A 44 20.61 -2.75 14.01
N ARG A 45 20.05 -3.66 14.81
CA ARG A 45 20.90 -4.66 15.45
C ARG A 45 21.63 -5.51 14.41
N PHE A 46 20.88 -5.96 13.41
CA PHE A 46 21.42 -6.78 12.33
C PHE A 46 22.40 -5.98 11.46
N TRP A 47 22.07 -4.72 11.22
CA TRP A 47 22.90 -3.86 10.40
C TRP A 47 24.26 -3.58 11.06
N ASN A 48 24.22 -3.36 12.37
CA ASN A 48 25.43 -3.09 13.13
C ASN A 48 26.37 -4.30 13.08
N ASP A 49 25.79 -5.49 13.20
CA ASP A 49 26.57 -6.72 13.16
C ASP A 49 27.14 -6.95 11.77
N PHE A 50 28.38 -7.43 11.71
CA PHE A 50 29.02 -7.69 10.42
C PHE A 50 30.20 -8.63 10.58
N MET A 1 -3.22 -26.19 -9.85
CA MET A 1 -1.78 -26.11 -9.46
C MET A 1 -1.20 -27.53 -9.41
N ALA A 2 -0.93 -28.01 -8.20
CA ALA A 2 -0.37 -29.35 -8.02
C ALA A 2 -1.37 -30.42 -8.47
N GLU A 3 -2.64 -30.17 -8.21
CA GLU A 3 -3.70 -31.10 -8.60
C GLU A 3 -3.78 -31.19 -10.11
N ALA A 4 -3.65 -30.04 -10.77
CA ALA A 4 -3.72 -29.97 -12.23
C ALA A 4 -3.01 -28.73 -12.76
N HIS A 5 -2.52 -28.80 -13.99
CA HIS A 5 -1.83 -27.66 -14.61
C HIS A 5 -2.81 -26.51 -14.82
N GLN A 6 -4.01 -26.84 -15.30
CA GLN A 6 -5.05 -25.84 -15.57
C GLN A 6 -5.50 -25.17 -14.29
N ALA A 7 -5.62 -25.98 -13.22
CA ALA A 7 -6.05 -25.46 -11.93
C ALA A 7 -7.51 -25.03 -11.98
N VAL A 8 -8.34 -25.67 -11.15
CA VAL A 8 -9.76 -25.35 -11.09
C VAL A 8 -10.19 -25.13 -9.65
N GLY A 9 -10.95 -24.07 -9.42
CA GLY A 9 -11.41 -23.76 -8.07
C GLY A 9 -10.36 -22.98 -7.29
N PHE A 10 -9.29 -22.57 -7.97
CA PHE A 10 -8.21 -21.83 -7.33
C PHE A 10 -7.87 -20.58 -8.13
N ARG A 11 -7.42 -19.54 -7.45
CA ARG A 11 -7.06 -18.30 -8.11
C ARG A 11 -6.17 -17.44 -7.20
N PRO A 12 -5.55 -16.39 -7.71
CA PRO A 12 -4.69 -15.51 -6.88
C PRO A 12 -5.42 -14.97 -5.64
N SER A 13 -6.70 -14.64 -5.83
CA SER A 13 -7.51 -14.12 -4.73
C SER A 13 -7.70 -15.17 -3.64
N LEU A 14 -7.87 -16.42 -4.06
CA LEU A 14 -8.07 -17.52 -3.13
C LEU A 14 -6.84 -17.69 -2.23
N THR A 15 -5.65 -17.59 -2.83
CA THR A 15 -4.42 -17.73 -2.06
C THR A 15 -4.27 -16.59 -1.07
N SER A 16 -4.76 -15.41 -1.46
CA SER A 16 -4.67 -14.23 -0.61
C SER A 16 -5.86 -14.17 0.35
N ASP A 17 -6.82 -15.06 0.14
CA ASP A 17 -8.01 -15.10 0.98
C ASP A 17 -8.71 -13.74 0.97
N GLY A 18 -8.63 -13.03 -0.15
CA GLY A 18 -9.26 -11.73 -0.28
C GLY A 18 -8.41 -10.63 0.36
N ALA A 19 -7.26 -11.01 0.90
CA ALA A 19 -6.37 -10.04 1.53
C ALA A 19 -5.85 -9.06 0.50
N GLU A 20 -5.57 -9.57 -0.69
CA GLU A 20 -5.07 -8.74 -1.77
C GLU A 20 -6.16 -7.80 -2.26
N VAL A 21 -5.79 -6.55 -2.52
CA VAL A 21 -6.73 -5.54 -2.99
C VAL A 21 -6.27 -4.99 -4.34
N GLU A 22 -7.19 -4.95 -5.31
CA GLU A 22 -6.85 -4.46 -6.64
C GLU A 22 -6.56 -2.96 -6.65
N LEU A 23 -7.38 -2.19 -5.93
CA LEU A 23 -7.20 -0.74 -5.89
C LEU A 23 -6.89 -0.26 -4.47
N SER A 24 -5.79 0.47 -4.33
CA SER A 24 -5.38 1.01 -3.04
C SER A 24 -3.88 1.29 -3.05
N ALA A 25 -3.33 1.45 -4.25
CA ALA A 25 -1.89 1.68 -4.39
C ALA A 25 -1.41 2.80 -3.48
N PRO A 26 -2.06 3.95 -3.48
CA PRO A 26 -1.63 5.09 -2.63
C PRO A 26 -1.51 4.72 -1.16
N VAL A 27 -2.50 3.97 -0.65
CA VAL A 27 -2.44 3.53 0.74
C VAL A 27 -1.30 2.54 0.92
N LEU A 28 -1.17 1.62 -0.04
CA LEU A 28 -0.13 0.61 0.04
C LEU A 28 1.25 1.24 0.01
N GLN A 29 1.43 2.24 -0.84
CA GLN A 29 2.72 2.92 -0.94
C GLN A 29 3.07 3.62 0.38
N GLU A 30 2.08 4.27 1.00
CA GLU A 30 2.31 4.96 2.25
C GLU A 30 2.66 3.96 3.35
N ILE A 31 1.97 2.82 3.39
CA ILE A 31 2.27 1.80 4.38
C ILE A 31 3.68 1.25 4.17
N TYR A 32 4.03 0.99 2.92
CA TYR A 32 5.37 0.47 2.62
C TYR A 32 6.45 1.44 3.08
N LEU A 33 6.27 2.73 2.74
CA LEU A 33 7.24 3.75 3.12
C LEU A 33 7.35 3.84 4.64
N SER A 34 6.21 3.80 5.32
CA SER A 34 6.19 3.86 6.78
C SER A 34 6.92 2.64 7.35
N GLY A 35 6.82 1.52 6.64
CA GLY A 35 7.47 0.29 7.09
C GLY A 35 8.99 0.45 7.13
N LEU A 36 9.56 1.20 6.19
CA LEU A 36 11.02 1.38 6.19
C LEU A 36 11.47 2.07 7.46
N ARG A 37 10.74 3.09 7.89
CA ARG A 37 11.13 3.81 9.09
C ARG A 37 11.08 2.90 10.32
N SER A 38 10.03 2.09 10.40
CA SER A 38 9.88 1.16 11.51
C SER A 38 10.89 0.01 11.41
N TRP A 39 11.17 -0.41 10.18
CA TRP A 39 12.10 -1.50 9.93
C TRP A 39 13.49 -1.20 10.45
N LYS A 40 13.90 0.06 10.38
CA LYS A 40 15.23 0.43 10.86
C LYS A 40 15.41 -0.02 12.30
N ARG A 41 14.42 0.14 13.15
CA ARG A 41 14.61 -0.28 14.55
C ARG A 41 14.89 -1.79 14.63
N HIS A 42 14.10 -2.51 13.84
CA HIS A 42 14.19 -3.96 13.72
C HIS A 42 15.47 -4.36 12.97
N LEU A 43 15.84 -3.53 12.01
CA LEU A 43 17.04 -3.76 11.19
C LEU A 43 18.30 -3.29 11.92
N SER A 44 18.15 -2.63 13.06
CA SER A 44 19.30 -2.09 13.79
C SER A 44 20.32 -3.17 14.12
N ARG A 45 19.90 -4.33 14.62
CA ARG A 45 20.89 -5.34 14.98
C ARG A 45 21.69 -5.77 13.75
N PHE A 46 21.00 -6.08 12.67
CA PHE A 46 21.65 -6.51 11.43
C PHE A 46 22.45 -5.37 10.81
N TRP A 47 21.89 -4.18 10.86
CA TRP A 47 22.53 -3.01 10.29
C TRP A 47 23.86 -2.72 10.99
N ASN A 48 23.88 -2.86 12.30
CA ASN A 48 25.11 -2.62 13.07
C ASN A 48 26.19 -3.61 12.67
N ASP A 49 25.79 -4.88 12.49
CA ASP A 49 26.74 -5.91 12.10
C ASP A 49 26.80 -6.03 10.59
N PHE A 50 27.90 -5.55 10.01
CA PHE A 50 28.07 -5.60 8.57
C PHE A 50 27.76 -7.00 8.05
N MET A 1 -26.08 32.03 -9.28
CA MET A 1 -26.40 30.59 -9.48
C MET A 1 -25.32 29.72 -8.84
N ALA A 2 -24.07 29.94 -9.25
CA ALA A 2 -22.95 29.18 -8.71
C ALA A 2 -22.74 29.50 -7.23
N GLU A 3 -22.37 28.49 -6.44
CA GLU A 3 -22.14 28.68 -5.02
C GLU A 3 -20.84 28.02 -4.59
N ALA A 4 -20.16 28.62 -3.62
CA ALA A 4 -18.90 28.08 -3.12
C ALA A 4 -17.84 28.11 -4.22
N HIS A 5 -16.91 29.06 -4.10
CA HIS A 5 -15.84 29.19 -5.08
C HIS A 5 -14.91 27.99 -5.02
N GLN A 6 -14.61 27.53 -3.82
CA GLN A 6 -13.73 26.39 -3.63
C GLN A 6 -14.43 25.09 -4.08
N ALA A 7 -13.71 24.27 -4.83
CA ALA A 7 -14.25 23.01 -5.31
C ALA A 7 -13.18 21.94 -5.32
N VAL A 8 -13.61 20.69 -5.11
CA VAL A 8 -12.68 19.56 -5.09
C VAL A 8 -13.06 18.53 -6.15
N GLY A 9 -12.08 18.11 -6.95
CA GLY A 9 -12.33 17.12 -8.00
C GLY A 9 -12.70 15.76 -7.42
N PHE A 10 -11.94 15.31 -6.42
CA PHE A 10 -12.20 14.01 -5.79
C PHE A 10 -12.21 14.13 -4.27
N ARG A 11 -13.06 13.32 -3.63
CA ARG A 11 -13.15 13.34 -2.17
C ARG A 11 -11.75 13.23 -1.55
N PRO A 12 -11.61 13.62 -0.32
CA PRO A 12 -10.31 13.56 0.41
C PRO A 12 -9.89 12.13 0.74
N SER A 13 -8.58 11.91 0.80
CA SER A 13 -8.05 10.58 1.12
C SER A 13 -8.19 10.28 2.60
N LEU A 14 -8.06 9.00 2.96
CA LEU A 14 -8.17 8.60 4.36
C LEU A 14 -6.80 8.23 4.92
N THR A 15 -6.46 8.80 6.07
CA THR A 15 -5.17 8.54 6.70
C THR A 15 -5.37 7.80 8.03
N SER A 16 -6.61 7.46 8.34
CA SER A 16 -6.91 6.77 9.59
C SER A 16 -6.44 5.32 9.53
N ASP A 17 -6.25 4.72 10.70
CA ASP A 17 -5.80 3.34 10.78
C ASP A 17 -6.95 2.37 10.52
N GLY A 18 -6.62 1.20 10.00
CA GLY A 18 -7.63 0.19 9.72
C GLY A 18 -8.07 0.24 8.26
N ALA A 19 -7.57 1.24 7.54
CA ALA A 19 -7.92 1.38 6.13
C ALA A 19 -7.32 0.26 5.30
N GLU A 20 -8.07 -0.23 4.33
CA GLU A 20 -7.59 -1.31 3.49
C GLU A 20 -8.48 -1.47 2.25
N VAL A 21 -8.11 -0.78 1.17
CA VAL A 21 -8.88 -0.86 -0.08
C VAL A 21 -7.97 -1.30 -1.22
N GLU A 22 -8.44 -2.26 -2.00
CA GLU A 22 -7.64 -2.78 -3.12
C GLU A 22 -7.42 -1.72 -4.20
N LEU A 23 -8.44 -0.89 -4.43
CA LEU A 23 -8.33 0.14 -5.45
C LEU A 23 -7.23 1.16 -5.11
N SER A 24 -7.16 1.56 -3.85
CA SER A 24 -6.17 2.52 -3.41
C SER A 24 -4.77 1.95 -3.52
N ALA A 25 -4.05 2.33 -4.58
CA ALA A 25 -2.67 1.90 -4.74
C ALA A 25 -1.76 2.63 -3.74
N PRO A 26 -1.97 3.92 -3.56
CA PRO A 26 -1.16 4.79 -2.65
C PRO A 26 -1.16 4.33 -1.19
N VAL A 27 -2.21 3.64 -0.77
CA VAL A 27 -2.26 3.16 0.61
C VAL A 27 -1.12 2.13 0.80
N LEU A 28 -1.02 1.21 -0.17
CA LEU A 28 0.06 0.19 -0.07
C LEU A 28 1.42 0.89 -0.03
N GLN A 29 1.58 1.92 -0.86
CA GLN A 29 2.85 2.65 -0.91
C GLN A 29 3.16 3.31 0.44
N GLU A 30 2.13 3.89 1.06
CA GLU A 30 2.32 4.52 2.36
C GLU A 30 2.69 3.50 3.42
N ILE A 31 2.06 2.33 3.38
CA ILE A 31 2.39 1.29 4.34
C ILE A 31 3.82 0.83 4.15
N TYR A 32 4.22 0.63 2.90
CA TYR A 32 5.58 0.20 2.61
C TYR A 32 6.58 1.25 3.11
N LEU A 33 6.31 2.52 2.81
CA LEU A 33 7.20 3.60 3.24
C LEU A 33 7.27 3.68 4.75
N SER A 34 6.12 3.53 5.40
CA SER A 34 6.05 3.58 6.87
C SER A 34 6.79 2.40 7.47
N GLY A 35 6.72 1.26 6.81
CA GLY A 35 7.38 0.05 7.31
C GLY A 35 8.89 0.22 7.30
N LEU A 36 9.43 0.92 6.31
CA LEU A 36 10.88 1.11 6.22
C LEU A 36 11.38 1.89 7.45
N ARG A 37 10.64 2.89 7.86
CA ARG A 37 11.05 3.66 9.04
C ARG A 37 11.04 2.76 10.27
N SER A 38 10.04 1.89 10.36
CA SER A 38 9.92 0.95 11.47
C SER A 38 10.99 -0.16 11.39
N TRP A 39 11.29 -0.59 10.16
CA TRP A 39 12.29 -1.64 9.97
C TRP A 39 13.68 -1.23 10.44
N LYS A 40 14.03 0.04 10.28
CA LYS A 40 15.36 0.49 10.69
C LYS A 40 15.58 0.20 12.17
N ARG A 41 14.60 0.48 13.03
CA ARG A 41 14.81 0.22 14.45
C ARG A 41 15.02 -1.29 14.70
N HIS A 42 14.17 -2.06 14.03
CA HIS A 42 14.20 -3.53 14.11
C HIS A 42 15.41 -4.11 13.38
N LEU A 43 15.79 -3.45 12.29
CA LEU A 43 16.91 -3.85 11.44
C LEU A 43 18.24 -3.37 12.02
N SER A 44 18.17 -2.55 13.07
CA SER A 44 19.37 -1.97 13.68
C SER A 44 20.42 -3.02 14.05
N ARG A 45 20.03 -4.16 14.62
CA ARG A 45 21.04 -5.14 15.03
C ARG A 45 21.90 -5.59 13.85
N PHE A 46 21.26 -5.97 12.77
CA PHE A 46 21.98 -6.42 11.57
C PHE A 46 22.75 -5.27 10.94
N TRP A 47 22.14 -4.09 10.95
CA TRP A 47 22.76 -2.90 10.37
C TRP A 47 24.03 -2.51 11.12
N ASN A 48 23.98 -2.60 12.44
CA ASN A 48 25.12 -2.25 13.28
C ASN A 48 26.29 -3.19 12.98
N ASP A 49 25.99 -4.46 12.82
CA ASP A 49 27.04 -5.44 12.54
C ASP A 49 27.66 -5.19 11.17
N PHE A 50 28.97 -5.39 11.08
CA PHE A 50 29.68 -5.18 9.83
C PHE A 50 29.38 -6.31 8.84
N MET A 1 -35.34 1.58 -23.12
CA MET A 1 -35.47 2.02 -24.54
C MET A 1 -34.15 2.58 -25.02
N ALA A 2 -33.86 3.83 -24.65
CA ALA A 2 -32.62 4.48 -25.05
C ALA A 2 -31.42 3.76 -24.46
N GLU A 3 -31.57 3.29 -23.22
CA GLU A 3 -30.50 2.58 -22.53
C GLU A 3 -30.94 1.16 -22.19
N ALA A 4 -30.03 0.20 -22.41
CA ALA A 4 -30.34 -1.20 -22.12
C ALA A 4 -30.51 -1.41 -20.61
N HIS A 5 -31.42 -2.29 -20.25
CA HIS A 5 -31.69 -2.58 -18.85
C HIS A 5 -31.20 -3.99 -18.48
N GLN A 6 -30.58 -4.10 -17.32
CA GLN A 6 -30.08 -5.39 -16.85
C GLN A 6 -31.23 -6.28 -16.37
N ALA A 7 -31.12 -7.57 -16.67
CA ALA A 7 -32.15 -8.52 -16.26
C ALA A 7 -32.19 -8.64 -14.74
N VAL A 8 -33.39 -8.85 -14.20
CA VAL A 8 -33.56 -8.96 -12.75
C VAL A 8 -34.06 -10.35 -12.38
N GLY A 9 -33.40 -10.97 -11.40
CA GLY A 9 -33.78 -12.30 -10.95
C GLY A 9 -32.91 -12.73 -9.77
N PHE A 10 -33.00 -13.99 -9.39
CA PHE A 10 -32.21 -14.49 -8.27
C PHE A 10 -30.87 -15.03 -8.77
N ARG A 11 -29.79 -14.43 -8.27
CA ARG A 11 -28.44 -14.85 -8.67
C ARG A 11 -27.39 -14.09 -7.86
N PRO A 12 -27.18 -14.48 -6.63
CA PRO A 12 -26.18 -13.80 -5.75
C PRO A 12 -24.76 -13.89 -6.32
N SER A 13 -23.98 -12.83 -6.10
CA SER A 13 -22.62 -12.79 -6.60
C SER A 13 -21.72 -13.72 -5.78
N LEU A 14 -20.73 -14.31 -6.45
CA LEU A 14 -19.81 -15.21 -5.78
C LEU A 14 -18.80 -14.43 -4.94
N THR A 15 -18.47 -14.95 -3.77
CA THR A 15 -17.52 -14.28 -2.89
C THR A 15 -16.13 -14.26 -3.52
N SER A 16 -15.82 -15.31 -4.27
CA SER A 16 -14.52 -15.42 -4.93
C SER A 16 -14.33 -14.28 -5.93
N ASP A 17 -15.43 -13.88 -6.56
CA ASP A 17 -15.38 -12.81 -7.55
C ASP A 17 -15.54 -11.45 -6.88
N GLY A 18 -14.48 -10.65 -6.91
CA GLY A 18 -14.51 -9.32 -6.31
C GLY A 18 -13.95 -9.35 -4.89
N ALA A 19 -13.61 -10.54 -4.42
CA ALA A 19 -13.07 -10.70 -3.08
C ALA A 19 -11.73 -9.99 -2.96
N GLU A 20 -10.93 -10.06 -4.02
CA GLU A 20 -9.63 -9.42 -4.03
C GLU A 20 -9.70 -8.06 -4.72
N VAL A 21 -8.92 -7.11 -4.22
CA VAL A 21 -8.90 -5.76 -4.80
C VAL A 21 -7.49 -5.41 -5.27
N GLU A 22 -7.41 -4.90 -6.50
CA GLU A 22 -6.13 -4.52 -7.08
C GLU A 22 -5.90 -3.01 -6.98
N LEU A 23 -6.88 -2.30 -6.41
CA LEU A 23 -6.77 -0.86 -6.26
C LEU A 23 -6.52 -0.48 -4.81
N SER A 24 -5.49 0.35 -4.60
CA SER A 24 -5.12 0.79 -3.26
C SER A 24 -3.67 1.22 -3.22
N ALA A 25 -3.10 1.47 -4.39
CA ALA A 25 -1.69 1.85 -4.49
C ALA A 25 -1.32 2.96 -3.52
N PRO A 26 -2.05 4.04 -3.48
CA PRO A 26 -1.72 5.16 -2.55
C PRO A 26 -1.61 4.71 -1.09
N VAL A 27 -2.53 3.84 -0.66
CA VAL A 27 -2.53 3.30 0.71
C VAL A 27 -1.34 2.37 0.89
N LEU A 28 -1.10 1.55 -0.14
CA LEU A 28 0.00 0.58 -0.12
C LEU A 28 1.35 1.27 -0.01
N GLN A 29 1.52 2.36 -0.77
CA GLN A 29 2.80 3.10 -0.76
C GLN A 29 3.09 3.75 0.61
N GLU A 30 2.06 4.30 1.23
CA GLU A 30 2.25 4.98 2.53
C GLU A 30 2.62 3.98 3.62
N ILE A 31 1.99 2.82 3.66
CA ILE A 31 2.32 1.83 4.68
C ILE A 31 3.72 1.28 4.43
N TYR A 32 4.06 1.01 3.18
CA TYR A 32 5.38 0.50 2.86
C TYR A 32 6.46 1.49 3.31
N LEU A 33 6.27 2.75 2.99
CA LEU A 33 7.24 3.78 3.37
C LEU A 33 7.33 3.87 4.90
N SER A 34 6.17 3.84 5.55
CA SER A 34 6.12 3.90 7.01
C SER A 34 6.81 2.68 7.62
N GLY A 35 6.57 1.52 7.04
CA GLY A 35 7.17 0.30 7.57
C GLY A 35 8.69 0.34 7.45
N LEU A 36 9.23 0.89 6.37
CA LEU A 36 10.67 0.96 6.18
C LEU A 36 11.30 1.79 7.31
N ARG A 37 10.68 2.90 7.66
CA ARG A 37 11.20 3.74 8.72
C ARG A 37 11.22 2.97 10.05
N SER A 38 10.15 2.24 10.32
CA SER A 38 10.05 1.42 11.53
C SER A 38 11.00 0.23 11.47
N TRP A 39 11.17 -0.34 10.27
CA TRP A 39 12.03 -1.49 10.08
C TRP A 39 13.47 -1.21 10.50
N LYS A 40 13.92 0.02 10.29
CA LYS A 40 15.30 0.35 10.66
C LYS A 40 15.53 0.04 12.14
N ARG A 41 14.58 0.35 13.01
CA ARG A 41 14.79 0.06 14.43
C ARG A 41 14.98 -1.44 14.64
N HIS A 42 14.11 -2.18 13.97
CA HIS A 42 14.11 -3.64 14.01
C HIS A 42 15.31 -4.21 13.26
N LEU A 43 15.68 -3.52 12.18
CA LEU A 43 16.80 -3.91 11.33
C LEU A 43 18.13 -3.47 11.93
N SER A 44 18.09 -2.67 12.99
CA SER A 44 19.30 -2.13 13.59
C SER A 44 20.34 -3.20 13.89
N ARG A 45 19.94 -4.35 14.42
CA ARG A 45 20.93 -5.39 14.75
C ARG A 45 21.67 -5.82 13.49
N PHE A 46 20.94 -6.16 12.44
CA PHE A 46 21.55 -6.60 11.19
C PHE A 46 22.31 -5.46 10.53
N TRP A 47 21.74 -4.26 10.60
CA TRP A 47 22.34 -3.08 10.01
C TRP A 47 23.70 -2.78 10.65
N ASN A 48 23.78 -2.93 11.97
CA ASN A 48 25.01 -2.66 12.69
C ASN A 48 26.11 -3.63 12.23
N ASP A 49 25.73 -4.89 12.04
CA ASP A 49 26.68 -5.90 11.60
C ASP A 49 26.64 -6.05 10.09
N PHE A 50 27.71 -5.64 9.43
CA PHE A 50 27.80 -5.73 7.97
C PHE A 50 27.24 -7.07 7.50
N MET A 1 -34.77 -1.40 4.88
CA MET A 1 -34.64 -0.59 3.63
C MET A 1 -34.94 -1.48 2.43
N ALA A 2 -36.21 -1.49 2.02
CA ALA A 2 -36.62 -2.30 0.88
C ALA A 2 -36.00 -1.75 -0.40
N GLU A 3 -35.58 -2.65 -1.30
CA GLU A 3 -34.97 -2.25 -2.56
C GLU A 3 -35.94 -2.48 -3.72
N ALA A 4 -36.25 -1.42 -4.44
CA ALA A 4 -37.17 -1.54 -5.56
C ALA A 4 -36.56 -2.41 -6.65
N HIS A 5 -35.25 -2.26 -6.85
CA HIS A 5 -34.55 -3.04 -7.87
C HIS A 5 -33.59 -4.02 -7.21
N GLN A 6 -33.65 -5.28 -7.62
CA GLN A 6 -32.80 -6.31 -7.08
C GLN A 6 -31.89 -6.87 -8.16
N ALA A 7 -30.58 -6.84 -7.90
CA ALA A 7 -29.60 -7.33 -8.87
C ALA A 7 -29.72 -8.84 -9.04
N VAL A 8 -29.58 -9.29 -10.28
CA VAL A 8 -29.65 -10.73 -10.57
C VAL A 8 -28.48 -11.46 -9.92
N GLY A 9 -27.31 -10.83 -9.95
CA GLY A 9 -26.11 -11.43 -9.37
C GLY A 9 -26.23 -11.56 -7.85
N PHE A 10 -26.93 -10.62 -7.23
CA PHE A 10 -27.10 -10.61 -5.77
C PHE A 10 -25.74 -10.55 -5.09
N ARG A 11 -24.70 -10.35 -5.88
CA ARG A 11 -23.35 -10.28 -5.34
C ARG A 11 -22.50 -9.30 -6.15
N PRO A 12 -22.77 -8.03 -6.01
CA PRO A 12 -22.02 -6.97 -6.73
C PRO A 12 -20.54 -6.99 -6.39
N SER A 13 -19.70 -6.71 -7.39
CA SER A 13 -18.25 -6.68 -7.18
C SER A 13 -17.81 -5.31 -6.71
N LEU A 14 -18.73 -4.36 -6.72
CA LEU A 14 -18.42 -3.00 -6.28
C LEU A 14 -18.96 -2.74 -4.88
N THR A 15 -18.10 -2.22 -4.02
CA THR A 15 -18.49 -1.92 -2.64
C THR A 15 -18.06 -0.51 -2.25
N SER A 16 -18.69 0.02 -1.20
CA SER A 16 -18.39 1.36 -0.73
C SER A 16 -16.91 1.48 -0.34
N ASP A 17 -16.39 0.47 0.33
CA ASP A 17 -15.00 0.49 0.76
C ASP A 17 -14.09 0.42 -0.46
N GLY A 18 -13.03 1.22 -0.46
CA GLY A 18 -12.09 1.22 -1.58
C GLY A 18 -12.73 1.85 -2.81
N ALA A 19 -13.80 2.62 -2.59
CA ALA A 19 -14.49 3.27 -3.70
C ALA A 19 -13.59 4.30 -4.38
N GLU A 20 -12.81 5.02 -3.57
CA GLU A 20 -11.93 6.05 -4.10
C GLU A 20 -10.84 5.44 -4.98
N VAL A 21 -10.29 4.30 -4.54
CA VAL A 21 -9.25 3.62 -5.31
C VAL A 21 -9.64 2.16 -5.57
N GLU A 22 -9.53 1.74 -6.83
CA GLU A 22 -9.89 0.37 -7.18
C GLU A 22 -8.93 -0.61 -6.52
N LEU A 23 -7.64 -0.26 -6.50
CA LEU A 23 -6.63 -1.12 -5.90
C LEU A 23 -6.36 -0.68 -4.46
N SER A 24 -5.33 0.15 -4.30
CA SER A 24 -4.94 0.64 -2.98
C SER A 24 -3.47 1.06 -3.00
N ALA A 25 -2.94 1.27 -4.20
CA ALA A 25 -1.53 1.63 -4.32
C ALA A 25 -1.15 2.78 -3.39
N PRO A 26 -1.88 3.87 -3.39
CA PRO A 26 -1.55 5.04 -2.52
C PRO A 26 -1.42 4.64 -1.05
N VAL A 27 -2.37 3.83 -0.57
CA VAL A 27 -2.33 3.34 0.81
C VAL A 27 -1.15 2.39 1.00
N LEU A 28 -0.95 1.53 0.03
CA LEU A 28 0.13 0.55 0.10
C LEU A 28 1.48 1.25 0.12
N GLN A 29 1.63 2.28 -0.70
CA GLN A 29 2.88 3.02 -0.77
C GLN A 29 3.18 3.68 0.57
N GLU A 30 2.15 4.25 1.20
CA GLU A 30 2.33 4.90 2.50
C GLU A 30 2.68 3.87 3.56
N ILE A 31 2.03 2.71 3.53
CA ILE A 31 2.35 1.66 4.50
C ILE A 31 3.77 1.18 4.28
N TYR A 32 4.14 0.98 3.03
CA TYR A 32 5.49 0.51 2.71
C TYR A 32 6.53 1.52 3.21
N LEU A 33 6.32 2.79 2.89
CA LEU A 33 7.25 3.83 3.31
C LEU A 33 7.30 3.91 4.84
N SER A 34 6.12 3.83 5.45
CA SER A 34 6.02 3.87 6.91
C SER A 34 6.72 2.67 7.53
N GLY A 35 6.52 1.50 6.93
CA GLY A 35 7.14 0.28 7.45
C GLY A 35 8.66 0.34 7.36
N LEU A 36 9.19 0.92 6.29
CA LEU A 36 10.64 1.02 6.13
C LEU A 36 11.25 1.84 7.26
N ARG A 37 10.60 2.94 7.60
CA ARG A 37 11.08 3.80 8.67
C ARG A 37 11.09 3.03 9.99
N SER A 38 10.02 2.28 10.25
CA SER A 38 9.91 1.46 11.46
C SER A 38 10.86 0.26 11.42
N TRP A 39 11.06 -0.28 10.21
CA TRP A 39 11.93 -1.44 10.01
C TRP A 39 13.37 -1.16 10.46
N LYS A 40 13.83 0.08 10.30
CA LYS A 40 15.21 0.39 10.67
C LYS A 40 15.43 0.05 12.15
N ARG A 41 14.48 0.32 13.03
CA ARG A 41 14.71 -0.01 14.43
C ARG A 41 14.87 -1.52 14.64
N HIS A 42 14.02 -2.26 13.93
CA HIS A 42 14.01 -3.72 13.97
C HIS A 42 15.22 -4.30 13.22
N LEU A 43 15.61 -3.61 12.15
CA LEU A 43 16.75 -4.00 11.32
C LEU A 43 18.05 -3.49 11.91
N SER A 44 17.97 -2.68 12.96
CA SER A 44 19.17 -2.09 13.56
C SER A 44 20.24 -3.13 13.86
N ARG A 45 19.87 -4.30 14.39
CA ARG A 45 20.89 -5.30 14.72
C ARG A 45 21.64 -5.74 13.46
N PHE A 46 20.91 -6.09 12.42
CA PHE A 46 21.50 -6.52 11.16
C PHE A 46 22.28 -5.38 10.50
N TRP A 47 21.71 -4.20 10.55
CA TRP A 47 22.34 -3.02 9.96
C TRP A 47 23.68 -2.71 10.61
N ASN A 48 23.73 -2.81 11.93
CA ASN A 48 24.97 -2.55 12.67
C ASN A 48 26.04 -3.57 12.27
N ASP A 49 25.63 -4.82 12.12
CA ASP A 49 26.57 -5.87 11.75
C ASP A 49 27.17 -5.58 10.38
N PHE A 50 26.34 -5.11 9.46
CA PHE A 50 26.80 -4.79 8.12
C PHE A 50 26.35 -3.40 7.70
N MET A 1 -17.82 -2.01 -9.86
CA MET A 1 -18.32 -3.30 -10.42
C MET A 1 -17.15 -4.07 -11.02
N ALA A 2 -17.08 -5.37 -10.74
CA ALA A 2 -16.02 -6.22 -11.25
C ALA A 2 -16.10 -6.33 -12.78
N GLU A 3 -14.93 -6.41 -13.43
CA GLU A 3 -14.90 -6.52 -14.89
C GLU A 3 -15.53 -7.84 -15.34
N ALA A 4 -15.24 -8.91 -14.60
CA ALA A 4 -15.77 -10.23 -14.92
C ALA A 4 -15.38 -11.24 -13.85
N HIS A 5 -14.60 -10.80 -12.87
CA HIS A 5 -14.16 -11.69 -11.80
C HIS A 5 -15.35 -12.14 -10.95
N GLN A 6 -16.25 -11.19 -10.68
CA GLN A 6 -17.42 -11.49 -9.86
C GLN A 6 -17.05 -12.41 -8.70
N ALA A 7 -16.61 -11.81 -7.60
CA ALA A 7 -16.22 -12.59 -6.42
C ALA A 7 -17.44 -13.26 -5.78
N VAL A 8 -17.26 -14.47 -5.28
CA VAL A 8 -18.36 -15.19 -4.64
C VAL A 8 -17.89 -15.84 -3.34
N GLY A 9 -18.83 -16.17 -2.47
CA GLY A 9 -18.50 -16.78 -1.19
C GLY A 9 -19.77 -17.13 -0.42
N PHE A 10 -19.60 -17.80 0.71
CA PHE A 10 -20.75 -18.18 1.52
C PHE A 10 -21.29 -16.99 2.29
N ARG A 11 -22.61 -16.92 2.42
CA ARG A 11 -23.25 -15.82 3.14
C ARG A 11 -22.58 -14.49 2.81
N PRO A 12 -22.81 -13.99 1.64
CA PRO A 12 -22.22 -12.69 1.18
C PRO A 12 -22.52 -11.55 2.15
N SER A 13 -23.72 -11.54 2.71
CA SER A 13 -24.11 -10.50 3.65
C SER A 13 -23.22 -10.53 4.88
N LEU A 14 -22.91 -11.72 5.36
CA LEU A 14 -22.07 -11.88 6.54
C LEU A 14 -20.68 -11.32 6.29
N THR A 15 -20.13 -11.59 5.10
CA THR A 15 -18.77 -11.12 4.76
C THR A 15 -18.79 -10.24 3.52
N SER A 16 -18.19 -9.05 3.64
CA SER A 16 -18.13 -8.11 2.52
C SER A 16 -17.15 -8.63 1.46
N ASP A 17 -17.44 -8.32 0.21
CA ASP A 17 -16.59 -8.75 -0.89
C ASP A 17 -15.21 -8.10 -0.75
N GLY A 18 -15.20 -6.87 -0.26
CA GLY A 18 -13.93 -6.17 -0.11
C GLY A 18 -13.38 -5.75 -1.46
N ALA A 19 -14.25 -5.62 -2.45
CA ALA A 19 -13.83 -5.21 -3.78
C ALA A 19 -13.22 -3.81 -3.76
N GLU A 20 -13.79 -2.92 -2.95
CA GLU A 20 -13.29 -1.56 -2.84
C GLU A 20 -13.23 -0.91 -4.22
N VAL A 21 -14.24 -0.09 -4.52
CA VAL A 21 -14.30 0.60 -5.81
C VAL A 21 -13.13 1.55 -5.97
N GLU A 22 -12.83 2.33 -4.93
CA GLU A 22 -11.74 3.29 -4.98
C GLU A 22 -10.39 2.57 -5.09
N LEU A 23 -10.25 1.47 -4.34
CA LEU A 23 -9.01 0.69 -4.35
C LEU A 23 -7.79 1.58 -4.59
N SER A 24 -7.38 2.32 -3.57
CA SER A 24 -6.24 3.23 -3.71
C SER A 24 -4.91 2.48 -3.76
N ALA A 25 -4.11 2.80 -4.79
CA ALA A 25 -2.78 2.20 -4.94
C ALA A 25 -1.79 2.79 -3.94
N PRO A 26 -1.80 4.10 -3.79
CA PRO A 26 -0.88 4.83 -2.88
C PRO A 26 -0.97 4.39 -1.42
N VAL A 27 -2.08 3.78 -1.05
CA VAL A 27 -2.22 3.30 0.33
C VAL A 27 -1.18 2.21 0.59
N LEU A 28 -1.06 1.29 -0.34
CA LEU A 28 -0.09 0.20 -0.21
C LEU A 28 1.33 0.76 -0.18
N GLN A 29 1.58 1.73 -1.05
CA GLN A 29 2.91 2.35 -1.11
C GLN A 29 3.23 3.07 0.19
N GLU A 30 2.23 3.76 0.76
CA GLU A 30 2.44 4.48 2.01
C GLU A 30 2.71 3.49 3.15
N ILE A 31 1.98 2.38 3.17
CA ILE A 31 2.21 1.38 4.21
C ILE A 31 3.61 0.80 4.08
N TYR A 32 4.01 0.50 2.84
CA TYR A 32 5.34 -0.04 2.61
C TYR A 32 6.41 0.93 3.10
N LEU A 33 6.26 2.20 2.73
CA LEU A 33 7.24 3.21 3.14
C LEU A 33 7.24 3.35 4.66
N SER A 34 6.05 3.35 5.24
CA SER A 34 5.92 3.48 6.70
C SER A 34 6.56 2.27 7.39
N GLY A 35 6.35 1.09 6.83
CA GLY A 35 6.91 -0.13 7.42
C GLY A 35 8.44 -0.12 7.37
N LEU A 36 9.00 0.39 6.29
CA LEU A 36 10.45 0.43 6.14
C LEU A 36 11.10 1.27 7.23
N ARG A 37 10.50 2.41 7.56
CA ARG A 37 11.07 3.27 8.59
C ARG A 37 11.03 2.57 9.95
N SER A 38 9.92 1.89 10.23
CA SER A 38 9.78 1.13 11.47
C SER A 38 10.69 -0.08 11.49
N TRP A 39 10.79 -0.73 10.34
CA TRP A 39 11.60 -1.92 10.19
C TRP A 39 13.09 -1.67 10.47
N LYS A 40 13.56 -0.49 10.07
CA LYS A 40 14.95 -0.13 10.26
C LYS A 40 15.34 -0.16 11.74
N ARG A 41 14.42 0.11 12.65
CA ARG A 41 14.82 0.03 14.05
C ARG A 41 15.29 -1.39 14.34
N HIS A 42 14.49 -2.34 13.85
CA HIS A 42 14.81 -3.76 14.02
C HIS A 42 16.11 -4.12 13.30
N LEU A 43 16.54 -3.26 12.38
CA LEU A 43 17.79 -3.46 11.64
C LEU A 43 19.00 -2.99 12.42
N SER A 44 18.80 -2.34 13.56
CA SER A 44 19.92 -1.79 14.32
C SER A 44 20.95 -2.84 14.68
N ARG A 45 20.54 -4.01 15.17
CA ARG A 45 21.52 -5.01 15.56
C ARG A 45 22.38 -5.40 14.36
N PHE A 46 21.74 -5.73 13.24
CA PHE A 46 22.45 -6.13 12.04
C PHE A 46 23.23 -4.97 11.45
N TRP A 47 22.64 -3.78 11.49
CA TRP A 47 23.27 -2.59 10.95
C TRP A 47 24.56 -2.27 11.69
N ASN A 48 24.53 -2.43 13.02
CA ASN A 48 25.71 -2.17 13.83
C ASN A 48 26.85 -3.10 13.43
N ASP A 49 26.50 -4.37 13.19
CA ASP A 49 27.49 -5.37 12.80
C ASP A 49 27.57 -5.47 11.28
N PHE A 50 28.70 -5.04 10.73
CA PHE A 50 28.90 -5.09 9.28
C PHE A 50 27.76 -4.37 8.56
N MET A 1 -1.97 -23.09 -44.69
CA MET A 1 -1.71 -24.31 -43.86
C MET A 1 -2.42 -24.16 -42.53
N ALA A 2 -1.86 -23.32 -41.67
CA ALA A 2 -2.45 -23.08 -40.36
C ALA A 2 -3.80 -22.38 -40.52
N GLU A 3 -4.74 -22.73 -39.66
CA GLU A 3 -6.06 -22.13 -39.71
C GLU A 3 -6.00 -20.65 -39.36
N ALA A 4 -5.11 -20.29 -38.42
CA ALA A 4 -4.98 -18.89 -38.01
C ALA A 4 -3.51 -18.47 -37.98
N HIS A 5 -3.24 -17.21 -38.31
CA HIS A 5 -1.87 -16.71 -38.30
C HIS A 5 -1.29 -16.72 -36.90
N GLN A 6 -2.12 -16.33 -35.93
CA GLN A 6 -1.70 -16.30 -34.53
C GLN A 6 -2.46 -17.37 -33.74
N ALA A 7 -1.71 -18.33 -33.19
CA ALA A 7 -2.32 -19.42 -32.43
C ALA A 7 -2.37 -19.10 -30.93
N VAL A 8 -1.67 -18.04 -30.52
CA VAL A 8 -1.64 -17.66 -29.11
C VAL A 8 -3.03 -17.25 -28.64
N GLY A 9 -3.75 -16.52 -29.49
CA GLY A 9 -5.08 -16.07 -29.15
C GLY A 9 -5.02 -14.83 -28.26
N PHE A 10 -6.18 -14.41 -27.79
CA PHE A 10 -6.26 -13.23 -26.94
C PHE A 10 -6.60 -13.61 -25.50
N ARG A 11 -5.97 -12.93 -24.55
CA ARG A 11 -6.23 -13.23 -23.14
C ARG A 11 -6.20 -11.93 -22.33
N PRO A 12 -6.84 -11.91 -21.19
CA PRO A 12 -6.88 -10.71 -20.31
C PRO A 12 -5.50 -10.39 -19.75
N SER A 13 -4.63 -11.40 -19.79
CA SER A 13 -3.28 -11.25 -19.30
C SER A 13 -2.53 -10.17 -20.08
N LEU A 14 -2.77 -10.10 -21.38
CA LEU A 14 -2.10 -9.10 -22.22
C LEU A 14 -2.49 -7.69 -21.78
N THR A 15 -3.77 -7.47 -21.51
CA THR A 15 -4.23 -6.15 -21.07
C THR A 15 -4.03 -5.98 -19.57
N SER A 16 -4.14 -4.74 -19.11
CA SER A 16 -3.95 -4.46 -17.68
C SER A 16 -5.08 -5.10 -16.87
N ASP A 17 -4.70 -5.73 -15.76
CA ASP A 17 -5.69 -6.37 -14.90
C ASP A 17 -6.07 -5.44 -13.75
N GLY A 18 -7.29 -4.92 -13.79
CA GLY A 18 -7.75 -4.03 -12.74
C GLY A 18 -8.13 -4.84 -11.50
N ALA A 19 -7.87 -4.28 -10.32
CA ALA A 19 -8.21 -4.97 -9.08
C ALA A 19 -8.40 -3.97 -7.95
N GLU A 20 -9.21 -4.33 -6.96
CA GLU A 20 -9.44 -3.44 -5.82
C GLU A 20 -8.16 -3.27 -5.02
N VAL A 21 -7.41 -4.36 -4.86
CA VAL A 21 -6.15 -4.32 -4.12
C VAL A 21 -5.16 -3.42 -4.86
N GLU A 22 -5.17 -3.49 -6.19
CA GLU A 22 -4.28 -2.69 -7.01
C GLU A 22 -4.60 -1.19 -6.88
N LEU A 23 -5.88 -0.86 -6.87
CA LEU A 23 -6.27 0.54 -6.74
C LEU A 23 -5.78 1.10 -5.40
N SER A 24 -5.94 0.29 -4.36
CA SER A 24 -5.51 0.68 -3.02
C SER A 24 -4.00 0.98 -2.99
N ALA A 25 -3.38 1.15 -4.15
CA ALA A 25 -1.94 1.40 -4.23
C ALA A 25 -1.50 2.53 -3.28
N PRO A 26 -2.18 3.65 -3.25
CA PRO A 26 -1.81 4.79 -2.35
C PRO A 26 -1.69 4.33 -0.90
N VAL A 27 -2.61 3.47 -0.48
CA VAL A 27 -2.58 2.93 0.88
C VAL A 27 -1.35 2.05 1.05
N LEU A 28 -1.10 1.24 0.04
CA LEU A 28 0.03 0.32 0.05
C LEU A 28 1.34 1.09 0.10
N GLN A 29 1.42 2.18 -0.66
CA GLN A 29 2.64 2.97 -0.67
C GLN A 29 2.91 3.61 0.68
N GLU A 30 1.88 4.14 1.33
CA GLU A 30 2.05 4.78 2.63
C GLU A 30 2.43 3.79 3.72
N ILE A 31 1.78 2.63 3.77
CA ILE A 31 2.15 1.64 4.80
C ILE A 31 3.53 1.07 4.53
N TYR A 32 3.84 0.79 3.27
CA TYR A 32 5.16 0.25 2.94
C TYR A 32 6.25 1.25 3.34
N LEU A 33 6.05 2.52 3.02
CA LEU A 33 7.03 3.54 3.39
C LEU A 33 7.14 3.65 4.91
N SER A 34 5.99 3.60 5.59
CA SER A 34 5.95 3.67 7.05
C SER A 34 6.71 2.50 7.67
N GLY A 35 6.50 1.31 7.10
CA GLY A 35 7.16 0.12 7.61
C GLY A 35 8.68 0.20 7.43
N LEU A 36 9.13 0.76 6.32
CA LEU A 36 10.56 0.87 6.06
C LEU A 36 11.21 1.73 7.12
N ARG A 37 10.56 2.81 7.48
CA ARG A 37 11.10 3.70 8.51
C ARG A 37 11.21 2.96 9.85
N SER A 38 10.17 2.20 10.17
CA SER A 38 10.14 1.40 11.40
C SER A 38 11.10 0.23 11.32
N TRP A 39 11.23 -0.30 10.11
CA TRP A 39 12.12 -1.44 9.87
C TRP A 39 13.54 -1.12 10.29
N LYS A 40 14.01 0.10 10.03
CA LYS A 40 15.38 0.47 10.37
C LYS A 40 15.64 0.27 11.86
N ARG A 41 14.70 0.64 12.73
CA ARG A 41 14.93 0.45 14.17
C ARG A 41 15.05 -1.03 14.52
N HIS A 42 14.20 -1.81 13.86
CA HIS A 42 14.18 -3.27 14.02
C HIS A 42 15.37 -3.92 13.30
N LEU A 43 15.78 -3.30 12.19
CA LEU A 43 16.90 -3.77 11.37
C LEU A 43 18.23 -3.32 11.97
N SER A 44 18.22 -2.51 13.03
CA SER A 44 19.45 -1.99 13.60
C SER A 44 20.46 -3.09 13.95
N ARG A 45 20.04 -4.18 14.58
CA ARG A 45 21.01 -5.20 14.95
C ARG A 45 21.72 -5.75 13.72
N PHE A 46 20.96 -6.17 12.72
CA PHE A 46 21.53 -6.72 11.49
C PHE A 46 22.32 -5.65 10.74
N TRP A 47 21.77 -4.44 10.70
CA TRP A 47 22.41 -3.33 10.02
C TRP A 47 23.76 -2.99 10.63
N ASN A 48 23.84 -3.02 11.96
CA ASN A 48 25.09 -2.72 12.64
C ASN A 48 26.15 -3.75 12.28
N ASP A 49 25.74 -5.02 12.22
CA ASP A 49 26.68 -6.09 11.87
C ASP A 49 26.58 -6.41 10.39
N PHE A 50 27.65 -6.12 9.66
CA PHE A 50 27.68 -6.37 8.22
C PHE A 50 28.24 -7.76 7.92
N MET A 1 -46.20 3.01 21.70
CA MET A 1 -44.77 2.84 21.31
C MET A 1 -44.40 1.37 21.43
N ALA A 2 -45.29 0.59 22.04
CA ALA A 2 -45.03 -0.84 22.22
C ALA A 2 -45.00 -1.55 20.87
N GLU A 3 -44.09 -2.52 20.75
CA GLU A 3 -43.97 -3.28 19.52
C GLU A 3 -43.97 -2.34 18.31
N ALA A 4 -43.42 -1.14 18.49
CA ALA A 4 -43.36 -0.17 17.42
C ALA A 4 -42.17 0.77 17.57
N HIS A 5 -41.70 1.31 16.45
CA HIS A 5 -40.56 2.22 16.47
C HIS A 5 -40.99 3.63 16.06
N GLN A 6 -40.50 4.63 16.78
CA GLN A 6 -40.84 6.01 16.47
C GLN A 6 -40.31 6.41 15.09
N ALA A 7 -39.08 5.98 14.80
CA ALA A 7 -38.46 6.30 13.52
C ALA A 7 -37.67 5.11 12.99
N VAL A 8 -37.63 4.98 11.67
CA VAL A 8 -36.91 3.88 11.04
C VAL A 8 -35.43 3.99 11.33
N GLY A 9 -34.88 5.19 11.19
CA GLY A 9 -33.47 5.43 11.44
C GLY A 9 -32.68 5.47 10.14
N PHE A 10 -31.45 5.99 10.20
CA PHE A 10 -30.60 6.08 9.02
C PHE A 10 -30.30 4.69 8.47
N ARG A 11 -29.98 3.76 9.35
CA ARG A 11 -29.66 2.39 8.95
C ARG A 11 -28.71 2.40 7.76
N PRO A 12 -27.47 2.76 7.98
CA PRO A 12 -26.44 2.81 6.91
C PRO A 12 -26.17 1.43 6.29
N SER A 13 -25.89 1.43 4.99
CA SER A 13 -25.62 0.18 4.27
C SER A 13 -24.32 0.29 3.45
N LEU A 14 -23.67 -0.84 3.22
CA LEU A 14 -22.42 -0.87 2.45
C LEU A 14 -22.65 -1.54 1.09
N THR A 15 -22.18 -0.88 0.03
CA THR A 15 -22.34 -1.43 -1.32
C THR A 15 -21.49 -2.67 -1.53
N SER A 16 -22.07 -3.67 -2.17
CA SER A 16 -21.36 -4.92 -2.42
C SER A 16 -20.19 -4.69 -3.39
N ASP A 17 -20.40 -3.82 -4.38
CA ASP A 17 -19.36 -3.54 -5.35
C ASP A 17 -18.56 -2.29 -4.97
N GLY A 18 -17.32 -2.49 -4.56
CA GLY A 18 -16.45 -1.37 -4.16
C GLY A 18 -15.12 -1.40 -4.90
N ALA A 19 -14.67 -0.24 -5.32
CA ALA A 19 -13.41 -0.11 -6.04
C ALA A 19 -12.23 -0.14 -5.07
N GLU A 20 -12.51 -0.04 -3.78
CA GLU A 20 -11.46 -0.05 -2.76
C GLU A 20 -10.71 -1.38 -2.74
N VAL A 21 -11.43 -2.47 -2.90
CA VAL A 21 -10.82 -3.79 -2.89
C VAL A 21 -9.93 -4.01 -4.14
N GLU A 22 -10.39 -3.54 -5.28
CA GLU A 22 -9.65 -3.71 -6.54
C GLU A 22 -8.37 -2.86 -6.59
N LEU A 23 -8.42 -1.65 -6.06
CA LEU A 23 -7.26 -0.76 -6.08
C LEU A 23 -6.91 -0.30 -4.68
N SER A 24 -5.74 0.34 -4.53
CA SER A 24 -5.31 0.82 -3.21
C SER A 24 -3.82 1.15 -3.22
N ALA A 25 -3.25 1.36 -4.40
CA ALA A 25 -1.83 1.66 -4.52
C ALA A 25 -1.40 2.80 -3.60
N PRO A 26 -2.09 3.92 -3.61
CA PRO A 26 -1.73 5.09 -2.76
C PRO A 26 -1.56 4.73 -1.28
N VAL A 27 -2.49 3.95 -0.73
CA VAL A 27 -2.39 3.54 0.67
C VAL A 27 -1.24 2.55 0.86
N LEU A 28 -1.05 1.69 -0.12
CA LEU A 28 0.02 0.69 -0.06
C LEU A 28 1.39 1.37 0.00
N GLN A 29 1.55 2.43 -0.79
CA GLN A 29 2.83 3.17 -0.82
C GLN A 29 3.10 3.80 0.54
N GLU A 30 2.08 4.35 1.17
CA GLU A 30 2.26 4.97 2.48
C GLU A 30 2.60 3.90 3.50
N ILE A 31 1.95 2.74 3.43
CA ILE A 31 2.25 1.66 4.37
C ILE A 31 3.68 1.17 4.15
N TYR A 32 4.08 1.01 2.91
CA TYR A 32 5.43 0.55 2.60
C TYR A 32 6.47 1.52 3.14
N LEU A 33 6.24 2.81 2.89
CA LEU A 33 7.18 3.82 3.36
C LEU A 33 7.24 3.84 4.88
N SER A 34 6.08 3.74 5.51
CA SER A 34 6.02 3.72 6.96
C SER A 34 6.76 2.51 7.51
N GLY A 35 6.62 1.37 6.83
CA GLY A 35 7.27 0.15 7.27
C GLY A 35 8.80 0.29 7.25
N LEU A 36 9.36 0.92 6.24
CA LEU A 36 10.81 1.07 6.16
C LEU A 36 11.34 1.87 7.35
N ARG A 37 10.65 2.94 7.74
CA ARG A 37 11.10 3.74 8.87
C ARG A 37 11.10 2.92 10.15
N SER A 38 10.06 2.09 10.33
CA SER A 38 9.96 1.21 11.51
C SER A 38 10.98 0.08 11.42
N TRP A 39 11.21 -0.41 10.21
CA TRP A 39 12.17 -1.50 9.99
C TRP A 39 13.57 -1.15 10.46
N LYS A 40 13.93 0.13 10.35
CA LYS A 40 15.27 0.52 10.76
C LYS A 40 15.50 0.12 12.23
N ARG A 41 14.52 0.29 13.10
CA ARG A 41 14.75 -0.11 14.49
C ARG A 41 15.02 -1.63 14.59
N HIS A 42 14.15 -2.36 13.89
CA HIS A 42 14.22 -3.82 13.82
C HIS A 42 15.48 -4.28 13.08
N LEU A 43 15.86 -3.52 12.08
CA LEU A 43 17.05 -3.80 11.27
C LEU A 43 18.33 -3.32 11.94
N SER A 44 18.22 -2.61 13.06
CA SER A 44 19.40 -2.07 13.72
C SER A 44 20.42 -3.14 14.07
N ARG A 45 19.99 -4.26 14.63
CA ARG A 45 20.94 -5.30 15.01
C ARG A 45 21.73 -5.79 13.80
N PHE A 46 21.01 -6.12 12.74
CA PHE A 46 21.64 -6.59 11.52
C PHE A 46 22.48 -5.49 10.87
N TRP A 47 21.94 -4.28 10.87
CA TRP A 47 22.63 -3.15 10.27
C TRP A 47 23.95 -2.87 10.95
N ASN A 48 23.97 -2.97 12.28
CA ASN A 48 25.18 -2.72 13.05
C ASN A 48 26.26 -3.74 12.72
N ASP A 49 25.87 -5.00 12.58
CA ASP A 49 26.81 -6.07 12.28
C ASP A 49 27.31 -5.95 10.85
N PHE A 50 28.59 -6.26 10.66
CA PHE A 50 29.19 -6.19 9.33
C PHE A 50 29.21 -7.57 8.67
N MET A 1 -43.47 -24.77 -1.97
CA MET A 1 -42.49 -24.07 -1.09
C MET A 1 -41.20 -24.89 -1.03
N ALA A 2 -41.29 -26.16 -1.42
CA ALA A 2 -40.12 -27.03 -1.40
C ALA A 2 -39.06 -26.53 -2.38
N GLU A 3 -39.51 -26.03 -3.52
CA GLU A 3 -38.59 -25.51 -4.53
C GLU A 3 -38.78 -24.01 -4.70
N ALA A 4 -37.70 -23.26 -4.58
CA ALA A 4 -37.76 -21.81 -4.70
C ALA A 4 -36.42 -21.26 -5.21
N HIS A 5 -36.49 -20.13 -5.91
CA HIS A 5 -35.28 -19.50 -6.45
C HIS A 5 -34.38 -19.03 -5.32
N GLN A 6 -34.98 -18.42 -4.30
CA GLN A 6 -34.23 -17.92 -3.16
C GLN A 6 -33.16 -16.93 -3.62
N ALA A 7 -33.30 -15.69 -3.21
CA ALA A 7 -32.34 -14.64 -3.57
C ALA A 7 -32.31 -13.55 -2.51
N VAL A 8 -31.17 -12.87 -2.41
CA VAL A 8 -31.02 -11.79 -1.43
C VAL A 8 -30.40 -10.55 -2.08
N GLY A 9 -30.59 -9.40 -1.44
CA GLY A 9 -30.05 -8.16 -1.96
C GLY A 9 -28.65 -7.88 -1.41
N PHE A 10 -28.29 -8.58 -0.34
CA PHE A 10 -26.98 -8.38 0.26
C PHE A 10 -25.86 -8.75 -0.71
N ARG A 11 -26.05 -9.87 -1.42
CA ARG A 11 -25.04 -10.30 -2.38
C ARG A 11 -23.65 -10.31 -1.74
N PRO A 12 -23.36 -11.31 -0.96
CA PRO A 12 -22.04 -11.44 -0.27
C PRO A 12 -20.89 -11.55 -1.28
N SER A 13 -19.74 -10.99 -0.91
CA SER A 13 -18.58 -11.03 -1.79
C SER A 13 -17.32 -11.36 -1.00
N LEU A 14 -16.41 -12.10 -1.63
CA LEU A 14 -15.16 -12.49 -0.99
C LEU A 14 -14.32 -11.26 -0.64
N THR A 15 -14.27 -10.29 -1.57
CA THR A 15 -13.51 -9.07 -1.34
C THR A 15 -14.26 -8.11 -0.43
N SER A 16 -13.54 -7.11 0.07
CA SER A 16 -14.15 -6.13 0.96
C SER A 16 -15.17 -5.27 0.22
N ASP A 17 -16.24 -4.89 0.92
CA ASP A 17 -17.29 -4.06 0.30
C ASP A 17 -16.84 -2.61 0.26
N GLY A 18 -16.68 -2.09 -0.96
CA GLY A 18 -16.25 -0.71 -1.14
C GLY A 18 -14.72 -0.62 -1.15
N ALA A 19 -14.07 -1.78 -1.16
CA ALA A 19 -12.61 -1.83 -1.19
C ALA A 19 -12.13 -3.08 -1.92
N GLU A 20 -10.98 -2.98 -2.59
CA GLU A 20 -10.42 -4.12 -3.31
C GLU A 20 -8.92 -4.22 -3.08
N VAL A 21 -8.41 -5.45 -3.05
CA VAL A 21 -6.99 -5.68 -2.84
C VAL A 21 -6.17 -5.12 -4.01
N GLU A 22 -6.71 -5.29 -5.21
CA GLU A 22 -6.04 -4.81 -6.42
C GLU A 22 -5.89 -3.28 -6.39
N LEU A 23 -6.89 -2.59 -5.87
CA LEU A 23 -6.84 -1.13 -5.80
C LEU A 23 -6.57 -0.67 -4.37
N SER A 24 -5.55 0.17 -4.22
CA SER A 24 -5.16 0.70 -2.91
C SER A 24 -3.69 1.09 -2.94
N ALA A 25 -3.15 1.26 -4.15
CA ALA A 25 -1.75 1.60 -4.31
C ALA A 25 -1.33 2.76 -3.41
N PRO A 26 -2.04 3.87 -3.41
CA PRO A 26 -1.67 5.03 -2.55
C PRO A 26 -1.50 4.64 -1.08
N VAL A 27 -2.41 3.82 -0.59
CA VAL A 27 -2.34 3.35 0.79
C VAL A 27 -1.13 2.43 0.96
N LEU A 28 -0.94 1.56 -0.01
CA LEU A 28 0.17 0.61 0.04
C LEU A 28 1.51 1.34 0.05
N GLN A 29 1.65 2.38 -0.76
CA GLN A 29 2.90 3.13 -0.82
C GLN A 29 3.18 3.81 0.51
N GLU A 30 2.16 4.41 1.11
CA GLU A 30 2.35 5.07 2.41
C GLU A 30 2.74 4.02 3.45
N ILE A 31 2.12 2.85 3.40
CA ILE A 31 2.48 1.81 4.37
C ILE A 31 3.93 1.36 4.16
N TYR A 32 4.33 1.14 2.91
CA TYR A 32 5.69 0.70 2.64
C TYR A 32 6.70 1.73 3.17
N LEU A 33 6.46 3.01 2.88
CA LEU A 33 7.36 4.06 3.37
C LEU A 33 7.39 4.09 4.90
N SER A 34 6.21 3.91 5.50
CA SER A 34 6.13 3.90 6.97
C SER A 34 6.85 2.67 7.54
N GLY A 35 6.70 1.55 6.85
CA GLY A 35 7.35 0.32 7.30
C GLY A 35 8.86 0.45 7.27
N LEU A 36 9.40 1.12 6.26
CA LEU A 36 10.84 1.29 6.15
C LEU A 36 11.37 2.06 7.35
N ARG A 37 10.66 3.11 7.76
CA ARG A 37 11.09 3.89 8.91
C ARG A 37 11.06 3.03 10.18
N SER A 38 10.00 2.23 10.30
CA SER A 38 9.85 1.32 11.44
C SER A 38 10.84 0.16 11.38
N TRP A 39 11.07 -0.33 10.17
CA TRP A 39 11.97 -1.47 9.95
C TRP A 39 13.39 -1.19 10.44
N LYS A 40 13.85 0.04 10.31
CA LYS A 40 15.21 0.33 10.76
C LYS A 40 15.38 -0.09 12.21
N ARG A 41 14.38 0.14 13.05
CA ARG A 41 14.52 -0.24 14.45
C ARG A 41 14.72 -1.76 14.59
N HIS A 42 13.91 -2.48 13.83
CA HIS A 42 13.95 -3.94 13.79
C HIS A 42 15.20 -4.44 13.05
N LEU A 43 15.58 -3.69 12.02
CA LEU A 43 16.76 -3.99 11.20
C LEU A 43 18.04 -3.45 11.80
N SER A 44 17.94 -2.72 12.91
CA SER A 44 19.12 -2.11 13.52
C SER A 44 20.19 -3.15 13.85
N ARG A 45 19.82 -4.29 14.44
CA ARG A 45 20.83 -5.27 14.78
C ARG A 45 21.57 -5.73 13.52
N PHE A 46 20.81 -6.09 12.49
CA PHE A 46 21.39 -6.54 11.23
C PHE A 46 22.22 -5.43 10.58
N TRP A 47 21.66 -4.23 10.59
CA TRP A 47 22.34 -3.07 10.00
C TRP A 47 23.65 -2.76 10.70
N ASN A 48 23.65 -2.85 12.02
CA ASN A 48 24.85 -2.58 12.80
C ASN A 48 25.95 -3.58 12.44
N ASP A 49 25.57 -4.84 12.28
CA ASP A 49 26.54 -5.88 11.95
C ASP A 49 26.58 -6.10 10.43
N PHE A 50 27.69 -5.71 9.82
CA PHE A 50 27.85 -5.87 8.38
C PHE A 50 29.33 -6.05 8.01
N MET A 1 -16.06 -15.07 27.02
CA MET A 1 -16.39 -16.23 27.89
C MET A 1 -15.71 -17.48 27.34
N ALA A 2 -15.40 -18.40 28.23
CA ALA A 2 -14.73 -19.63 27.84
C ALA A 2 -15.68 -20.51 27.04
N GLU A 3 -15.14 -21.22 26.05
CA GLU A 3 -15.94 -22.11 25.20
C GLU A 3 -17.04 -21.34 24.48
N ALA A 4 -16.79 -20.06 24.19
CA ALA A 4 -17.77 -19.22 23.50
C ALA A 4 -17.96 -19.66 22.05
N HIS A 5 -19.20 -19.54 21.57
CA HIS A 5 -19.54 -19.92 20.21
C HIS A 5 -19.84 -18.68 19.37
N GLN A 6 -19.21 -18.61 18.19
CA GLN A 6 -19.41 -17.46 17.29
C GLN A 6 -19.80 -17.96 15.90
N ALA A 7 -20.75 -17.28 15.26
CA ALA A 7 -21.19 -17.68 13.93
C ALA A 7 -20.06 -17.47 12.92
N VAL A 8 -19.95 -18.41 11.99
CA VAL A 8 -18.92 -18.35 10.96
C VAL A 8 -19.54 -18.55 9.59
N GLY A 9 -19.13 -17.72 8.64
CA GLY A 9 -19.65 -17.81 7.27
C GLY A 9 -20.99 -17.08 7.14
N PHE A 10 -21.34 -16.29 8.17
CA PHE A 10 -22.59 -15.54 8.16
C PHE A 10 -22.32 -14.04 8.30
N ARG A 11 -22.89 -13.24 7.40
CA ARG A 11 -22.70 -11.80 7.45
C ARG A 11 -23.99 -11.07 7.06
N PRO A 12 -24.27 -9.91 7.61
CA PRO A 12 -25.51 -9.14 7.28
C PRO A 12 -25.52 -8.71 5.84
N SER A 13 -26.70 -8.69 5.24
CA SER A 13 -26.85 -8.29 3.85
C SER A 13 -26.57 -6.80 3.69
N LEU A 14 -26.65 -6.07 4.80
CA LEU A 14 -26.43 -4.64 4.74
C LEU A 14 -24.99 -4.34 4.29
N THR A 15 -24.04 -5.10 4.84
CA THR A 15 -22.63 -4.91 4.48
C THR A 15 -21.98 -6.24 4.15
N SER A 16 -20.87 -6.17 3.42
CA SER A 16 -20.13 -7.36 3.04
C SER A 16 -18.69 -7.01 2.71
N ASP A 17 -17.82 -8.01 2.71
CA ASP A 17 -16.41 -7.81 2.42
C ASP A 17 -16.21 -7.41 0.96
N GLY A 18 -15.30 -6.47 0.73
CA GLY A 18 -15.01 -6.01 -0.63
C GLY A 18 -13.51 -6.05 -0.89
N ALA A 19 -13.14 -6.45 -2.09
CA ALA A 19 -11.72 -6.52 -2.44
C ALA A 19 -11.12 -5.12 -2.50
N GLU A 20 -9.89 -4.99 -2.00
CA GLU A 20 -9.22 -3.70 -2.00
C GLU A 20 -7.75 -3.87 -2.38
N VAL A 21 -7.34 -5.11 -2.58
CA VAL A 21 -5.96 -5.39 -2.95
C VAL A 21 -5.65 -4.82 -4.34
N GLU A 22 -6.60 -4.96 -5.26
CA GLU A 22 -6.41 -4.48 -6.61
C GLU A 22 -6.27 -2.96 -6.65
N LEU A 23 -7.13 -2.28 -5.90
CA LEU A 23 -7.10 -0.83 -5.84
C LEU A 23 -6.77 -0.37 -4.42
N SER A 24 -5.74 0.47 -4.29
CA SER A 24 -5.31 1.00 -2.99
C SER A 24 -3.82 1.31 -3.04
N ALA A 25 -3.28 1.41 -4.25
CA ALA A 25 -1.86 1.67 -4.43
C ALA A 25 -1.38 2.79 -3.51
N PRO A 26 -2.05 3.92 -3.46
CA PRO A 26 -1.61 5.05 -2.58
C PRO A 26 -1.45 4.60 -1.13
N VAL A 27 -2.37 3.77 -0.66
CA VAL A 27 -2.33 3.25 0.70
C VAL A 27 -1.13 2.32 0.86
N LEU A 28 -0.89 1.48 -0.14
CA LEU A 28 0.22 0.52 -0.06
C LEU A 28 1.56 1.24 -0.01
N GLN A 29 1.71 2.29 -0.80
CA GLN A 29 2.95 3.06 -0.84
C GLN A 29 3.24 3.71 0.51
N GLU A 30 2.20 4.23 1.15
CA GLU A 30 2.38 4.87 2.46
C GLU A 30 2.75 3.82 3.50
N ILE A 31 2.12 2.65 3.45
CA ILE A 31 2.44 1.59 4.40
C ILE A 31 3.89 1.17 4.18
N TYR A 32 4.27 1.02 2.92
CA TYR A 32 5.64 0.63 2.62
C TYR A 32 6.62 1.65 3.17
N LEU A 33 6.34 2.93 2.95
CA LEU A 33 7.20 3.99 3.45
C LEU A 33 7.25 3.99 4.98
N SER A 34 6.09 3.82 5.60
CA SER A 34 6.03 3.79 7.06
C SER A 34 6.78 2.57 7.60
N GLY A 35 6.68 1.46 6.89
CA GLY A 35 7.36 0.24 7.32
C GLY A 35 8.88 0.40 7.27
N LEU A 36 9.39 1.10 6.26
CA LEU A 36 10.83 1.29 6.13
C LEU A 36 11.36 2.06 7.34
N ARG A 37 10.64 3.09 7.75
CA ARG A 37 11.05 3.87 8.91
C ARG A 37 11.06 3.00 10.18
N SER A 38 10.02 2.18 10.34
CA SER A 38 9.91 1.27 11.49
C SER A 38 10.92 0.12 11.38
N TRP A 39 11.15 -0.33 10.15
CA TRP A 39 12.06 -1.44 9.90
C TRP A 39 13.46 -1.13 10.40
N LYS A 40 13.87 0.13 10.33
CA LYS A 40 15.21 0.48 10.78
C LYS A 40 15.39 0.06 12.23
N ARG A 41 14.40 0.27 13.07
CA ARG A 41 14.54 -0.10 14.47
C ARG A 41 14.77 -1.60 14.61
N HIS A 42 14.02 -2.32 13.77
CA HIS A 42 14.08 -3.79 13.71
C HIS A 42 15.34 -4.26 12.97
N LEU A 43 15.75 -3.48 11.97
CA LEU A 43 16.92 -3.75 11.15
C LEU A 43 18.21 -3.29 11.83
N SER A 44 18.10 -2.61 12.97
CA SER A 44 19.27 -2.08 13.65
C SER A 44 20.27 -3.18 13.98
N ARG A 45 19.82 -4.30 14.51
CA ARG A 45 20.76 -5.35 14.87
C ARG A 45 21.53 -5.82 13.64
N PHE A 46 20.81 -6.14 12.58
CA PHE A 46 21.43 -6.62 11.34
C PHE A 46 22.22 -5.50 10.65
N TRP A 47 21.69 -4.30 10.67
CA TRP A 47 22.33 -3.15 10.04
C TRP A 47 23.68 -2.83 10.70
N ASN A 48 23.73 -2.93 12.03
CA ASN A 48 24.95 -2.65 12.77
C ASN A 48 25.68 -3.93 13.18
N ASP A 49 25.30 -5.05 12.59
CA ASP A 49 25.94 -6.32 12.92
C ASP A 49 27.41 -6.31 12.50
N PHE A 50 27.70 -5.63 11.39
CA PHE A 50 29.07 -5.56 10.89
C PHE A 50 29.37 -4.14 10.42
#